data_1OFB
#
_entry.id   1OFB
#
_cell.length_a   196.636
_cell.length_b   50.502
_cell.length_c   64.930
_cell.angle_alpha   90.00
_cell.angle_beta   106.36
_cell.angle_gamma   90.00
#
_symmetry.space_group_name_H-M   'C 1 2 1'
#
loop_
_entity.id
_entity.type
_entity.pdbx_description
1 polymer 'PHOSPHO-2-DEHYDRO-3-DEOXYHEPTONATE ALDOLASE'
2 non-polymer 'MANGANESE (II) ION'
3 non-polymer GLYCEROL
4 water water
#
_entity_poly.entity_id   1
_entity_poly.type   'polypeptide(L)'
_entity_poly.pdbx_seq_one_letter_code
;MSESPMFAANGMPKVNQGAEEDVRILGYDPLASPALLQVQIPATPTSLETAKRGRREAIDIITGKDDRVLVIVGPCSIHD
LEAAQEYALRLKKLSDELKGDLSIIMRAYLEKPRTTVGWKGLINDPDVNNTFNINKGLQSARQLFVNLTNIGLPIGSEML
DTISPQYLADLVSFGAIGARTTESQLHRELASGLSFPVGFKNGTDGTLNVAVDACQAAAHSHHFMGVTKHGVAAITTTKG
NEHCFVILRGGKKGTNYDAKSVAEAKAQLPAGSNGLMIDYSHGNSNKDFRNQPKVNDVVCEQIANGENAITGVMIESNIN
EGNQGIPAEGKAGLKYGVSITDACIGWETTEDVLRKLAAAVRQRREVNKK
;
_entity_poly.pdbx_strand_id   A,B
#
loop_
_chem_comp.id
_chem_comp.type
_chem_comp.name
_chem_comp.formula
GOL non-polymer GLYCEROL 'C3 H8 O3'
MN non-polymer 'MANGANESE (II) ION' 'Mn 2'
#
# COMPACT_ATOMS: atom_id res chain seq x y z
N GLU A 21 24.05 5.83 -2.76
CA GLU A 21 22.68 6.40 -2.47
C GLU A 21 22.30 7.49 -3.49
N ASP A 22 21.00 7.71 -3.70
CA ASP A 22 20.51 8.67 -4.70
C ASP A 22 20.93 8.39 -6.19
N VAL A 23 21.53 7.24 -6.48
CA VAL A 23 21.75 6.85 -7.88
C VAL A 23 20.41 6.68 -8.69
N ARG A 24 19.26 6.42 -8.03
CA ARG A 24 18.01 6.42 -8.85
C ARG A 24 17.10 7.62 -8.58
N ILE A 25 17.60 8.56 -7.76
CA ILE A 25 16.97 9.88 -7.56
C ILE A 25 17.54 10.89 -8.54
N LEU A 26 16.73 11.32 -9.50
CA LEU A 26 17.20 12.25 -10.57
C LEU A 26 17.28 13.71 -10.08
N GLY A 27 16.48 14.05 -9.04
CA GLY A 27 16.50 15.36 -8.41
C GLY A 27 15.33 15.57 -7.43
N TYR A 28 15.40 16.66 -6.65
CA TYR A 28 14.34 17.13 -5.79
C TYR A 28 13.93 18.53 -6.23
N ASP A 29 12.63 18.78 -6.35
CA ASP A 29 12.15 20.08 -6.75
C ASP A 29 11.43 20.64 -5.54
N PRO A 30 11.44 21.97 -5.37
CA PRO A 30 10.82 22.57 -4.20
C PRO A 30 9.33 22.49 -4.22
N LEU A 31 8.77 22.38 -3.02
CA LEU A 31 7.37 22.21 -2.88
C LEU A 31 6.83 23.26 -1.90
N ALA A 32 5.71 23.92 -2.20
CA ALA A 32 5.03 24.75 -1.21
C ALA A 32 4.57 23.87 -0.01
N SER A 33 4.65 24.42 1.20
CA SER A 33 4.22 23.68 2.37
C SER A 33 2.69 23.69 2.41
N PRO A 34 2.09 22.73 3.13
CA PRO A 34 0.63 22.73 3.30
C PRO A 34 0.14 24.09 3.89
N ALA A 35 0.78 24.56 4.95
CA ALA A 35 0.35 25.82 5.58
C ALA A 35 0.39 26.94 4.55
N LEU A 36 1.39 26.91 3.68
CA LEU A 36 1.54 28.05 2.76
C LEU A 36 0.39 28.03 1.73
N LEU A 37 0.05 26.84 1.25
CA LEU A 37 -1.03 26.73 0.32
C LEU A 37 -2.36 27.01 0.98
N GLN A 38 -2.50 26.66 2.25
CA GLN A 38 -3.73 26.97 2.95
C GLN A 38 -3.98 28.48 3.05
N VAL A 39 -2.90 29.26 3.14
CA VAL A 39 -2.98 30.74 3.26
C VAL A 39 -3.22 31.33 1.86
N GLN A 40 -2.53 30.79 0.85
CA GLN A 40 -2.67 31.29 -0.51
C GLN A 40 -4.05 30.99 -1.10
N ILE A 41 -4.65 29.84 -0.72
CA ILE A 41 -5.98 29.46 -1.22
C ILE A 41 -6.87 29.14 -0.04
N PRO A 42 -7.37 30.19 0.61
CA PRO A 42 -8.13 30.04 1.85
C PRO A 42 -9.51 29.40 1.60
N ALA A 43 -9.97 28.59 2.54
CA ALA A 43 -11.33 28.10 2.53
C ALA A 43 -12.25 29.23 2.93
N THR A 44 -13.42 29.36 2.27
CA THR A 44 -14.45 30.30 2.73
C THR A 44 -15.15 29.72 3.94
N PRO A 45 -15.81 30.55 4.79
CA PRO A 45 -16.69 30.05 5.85
C PRO A 45 -17.70 29.01 5.40
N THR A 46 -18.29 29.20 4.21
CA THR A 46 -19.19 28.22 3.64
C THR A 46 -18.50 26.85 3.31
N SER A 47 -17.30 26.91 2.75
CA SER A 47 -16.50 25.71 2.50
C SER A 47 -16.31 24.89 3.74
N LEU A 48 -15.88 25.55 4.83
CA LEU A 48 -15.54 24.88 6.08
C LEU A 48 -16.79 24.32 6.77
N GLU A 49 -17.89 25.06 6.67
CA GLU A 49 -19.11 24.58 7.32
C GLU A 49 -19.64 23.37 6.55
N THR A 50 -19.51 23.43 5.25
CA THR A 50 -19.94 22.35 4.39
C THR A 50 -19.14 21.08 4.67
N ALA A 51 -17.83 21.22 4.82
CA ALA A 51 -16.99 20.05 5.08
C ALA A 51 -17.40 19.46 6.42
N LYS A 52 -17.61 20.29 7.45
CA LYS A 52 -18.01 19.79 8.76
C LYS A 52 -19.40 19.16 8.74
N ARG A 53 -20.32 19.77 8.00
CA ARG A 53 -21.67 19.21 7.85
C ARG A 53 -21.64 17.86 7.17
N GLY A 54 -20.81 17.75 6.12
CA GLY A 54 -20.70 16.52 5.38
C GLY A 54 -20.19 15.43 6.32
N ARG A 55 -19.25 15.74 7.20
CA ARG A 55 -18.71 14.70 8.12
C ARG A 55 -19.78 14.24 9.12
N ARG A 56 -20.48 15.21 9.74
CA ARG A 56 -21.57 14.93 10.67
C ARG A 56 -22.66 13.99 10.07
N GLU A 57 -23.21 14.36 8.92
CA GLU A 57 -24.18 13.52 8.27
C GLU A 57 -23.61 12.13 7.95
N ALA A 58 -22.39 12.05 7.46
CA ALA A 58 -21.82 10.74 7.12
C ALA A 58 -21.61 9.87 8.37
N ILE A 59 -21.02 10.46 9.43
CA ILE A 59 -20.92 9.80 10.74
C ILE A 59 -22.30 9.30 11.18
N ASP A 60 -23.31 10.17 11.15
CA ASP A 60 -24.63 9.77 11.62
C ASP A 60 -25.20 8.62 10.84
N ILE A 61 -24.92 8.58 9.53
CA ILE A 61 -25.47 7.50 8.72
C ILE A 61 -24.67 6.22 8.95
N ILE A 62 -23.33 6.25 8.93
CA ILE A 62 -22.63 4.93 9.12
C ILE A 62 -22.71 4.39 10.51
N THR A 63 -23.03 5.22 11.50
CA THR A 63 -23.14 4.70 12.88
C THR A 63 -24.60 4.44 13.25
N GLY A 64 -25.53 4.54 12.29
CA GLY A 64 -26.89 4.05 12.51
C GLY A 64 -27.79 5.04 13.27
N LYS A 65 -27.34 6.28 13.41
CA LYS A 65 -28.14 7.34 14.02
C LYS A 65 -29.19 7.92 13.06
N ASP A 66 -28.88 7.90 11.78
CA ASP A 66 -29.79 8.40 10.77
C ASP A 66 -30.09 7.28 9.76
N ASP A 67 -31.32 7.24 9.28
CA ASP A 67 -31.74 6.24 8.32
C ASP A 67 -31.71 6.59 6.82
N ARG A 68 -31.18 7.78 6.48
CA ARG A 68 -30.84 8.06 5.11
C ARG A 68 -29.65 7.20 4.70
N VAL A 69 -29.42 7.11 3.38
CA VAL A 69 -28.28 6.45 2.79
C VAL A 69 -27.23 7.53 2.41
N LEU A 70 -25.98 7.18 2.70
CA LEU A 70 -24.85 8.06 2.37
C LEU A 70 -24.48 7.67 0.93
N VAL A 71 -24.36 8.64 0.03
CA VAL A 71 -24.04 8.34 -1.37
C VAL A 71 -22.79 9.13 -1.76
N ILE A 72 -21.76 8.42 -2.23
CA ILE A 72 -20.54 9.08 -2.67
C ILE A 72 -20.60 8.94 -4.17
N VAL A 73 -20.88 10.04 -4.88
CA VAL A 73 -21.25 9.91 -6.32
C VAL A 73 -20.49 10.97 -7.08
N GLY A 74 -19.89 10.57 -8.21
CA GLY A 74 -19.28 11.56 -9.09
C GLY A 74 -18.20 10.90 -9.90
N PRO A 75 -17.42 11.68 -10.63
CA PRO A 75 -16.44 11.14 -11.58
C PRO A 75 -15.43 10.18 -10.99
N CYS A 76 -14.92 9.33 -11.87
CA CYS A 76 -13.77 8.47 -11.51
C CYS A 76 -12.59 9.36 -11.04
N SER A 77 -12.29 10.38 -11.83
CA SER A 77 -11.26 11.36 -11.50
C SER A 77 -11.67 12.73 -12.05
N ILE A 78 -11.09 13.81 -11.52
CA ILE A 78 -11.36 15.16 -11.98
C ILE A 78 -10.10 15.56 -12.74
N HIS A 79 -10.29 15.89 -14.00
CA HIS A 79 -9.22 16.51 -14.80
C HIS A 79 -9.57 17.93 -15.35
N ASP A 80 -10.76 18.44 -15.05
CA ASP A 80 -11.23 19.72 -15.58
C ASP A 80 -12.08 20.43 -14.55
N LEU A 81 -11.57 21.51 -13.96
CA LEU A 81 -12.24 22.24 -12.92
C LEU A 81 -13.63 22.76 -13.33
N GLU A 82 -13.78 23.15 -14.59
CA GLU A 82 -15.02 23.81 -14.98
C GLU A 82 -16.09 22.76 -15.20
N ALA A 83 -15.72 21.64 -15.83
CA ALA A 83 -16.67 20.54 -15.94
C ALA A 83 -17.01 20.07 -14.54
N ALA A 84 -16.01 20.00 -13.66
CA ALA A 84 -16.30 19.55 -12.28
C ALA A 84 -17.30 20.50 -11.59
N GLN A 85 -17.17 21.83 -11.85
CA GLN A 85 -18.12 22.79 -11.31
C GLN A 85 -19.55 22.59 -11.86
N GLU A 86 -19.66 22.33 -13.15
CA GLU A 86 -21.00 22.11 -13.74
C GLU A 86 -21.60 20.84 -13.14
N TYR A 87 -20.85 19.74 -13.14
CA TYR A 87 -21.35 18.50 -12.46
C TYR A 87 -21.84 18.82 -11.02
N ALA A 88 -21.01 19.53 -10.25
CA ALA A 88 -21.35 19.89 -8.87
C ALA A 88 -22.67 20.67 -8.72
N LEU A 89 -22.91 21.64 -9.63
CA LEU A 89 -24.16 22.44 -9.64
C LEU A 89 -25.40 21.54 -9.81
N ARG A 90 -25.32 20.60 -10.75
CA ARG A 90 -26.47 19.69 -11.01
C ARG A 90 -26.64 18.79 -9.80
N LEU A 91 -25.50 18.28 -9.29
CA LEU A 91 -25.54 17.41 -8.09
C LEU A 91 -26.12 18.08 -6.85
N LYS A 92 -25.67 19.30 -6.56
CA LYS A 92 -26.23 20.09 -5.44
C LYS A 92 -27.70 20.29 -5.64
N LYS A 93 -28.10 20.70 -6.83
CA LYS A 93 -29.56 20.81 -7.05
C LYS A 93 -30.30 19.47 -6.73
N LEU A 94 -29.78 18.33 -7.21
CA LEU A 94 -30.43 17.05 -6.91
C LEU A 94 -30.43 16.71 -5.38
N SER A 95 -29.32 17.01 -4.74
CA SER A 95 -29.13 16.77 -3.35
C SER A 95 -30.14 17.62 -2.57
N ASP A 96 -30.38 18.88 -2.97
CA ASP A 96 -31.46 19.64 -2.30
C ASP A 96 -32.83 18.93 -2.43
N GLU A 97 -33.13 18.32 -3.57
CA GLU A 97 -34.42 17.62 -3.78
C GLU A 97 -34.58 16.33 -2.92
N LEU A 98 -33.48 15.60 -2.76
CA LEU A 98 -33.51 14.27 -2.18
C LEU A 98 -32.92 14.20 -0.79
N LYS A 99 -32.66 15.33 -0.16
CA LYS A 99 -32.01 15.39 1.16
C LYS A 99 -32.80 14.74 2.33
N GLY A 100 -34.11 14.57 2.19
CA GLY A 100 -34.90 13.84 3.19
C GLY A 100 -34.49 12.35 3.28
N ASP A 101 -33.87 11.84 2.21
CA ASP A 101 -33.61 10.44 2.04
C ASP A 101 -32.14 10.11 1.81
N LEU A 102 -31.41 11.02 1.22
CA LEU A 102 -30.03 10.74 0.81
C LEU A 102 -29.13 11.85 1.26
N SER A 103 -27.95 11.47 1.75
CA SER A 103 -26.94 12.46 2.13
C SER A 103 -25.85 12.28 1.07
N ILE A 104 -25.62 13.32 0.25
CA ILE A 104 -24.84 13.12 -0.96
C ILE A 104 -23.50 13.87 -0.82
N ILE A 105 -22.44 13.16 -1.20
CA ILE A 105 -21.09 13.71 -1.16
C ILE A 105 -20.50 13.44 -2.57
N MET A 106 -19.92 14.48 -3.16
CA MET A 106 -19.36 14.38 -4.49
C MET A 106 -18.05 13.69 -4.48
N ARG A 107 -17.82 12.79 -5.43
CA ARG A 107 -16.46 12.25 -5.63
C ARG A 107 -15.66 13.32 -6.35
N ALA A 108 -14.58 13.81 -5.74
CA ALA A 108 -13.63 14.70 -6.40
C ALA A 108 -12.27 14.09 -6.27
N TYR A 109 -12.00 13.04 -7.04
CA TYR A 109 -10.82 12.21 -6.83
C TYR A 109 -9.67 12.77 -7.59
N LEU A 110 -8.60 13.01 -6.79
CA LEU A 110 -7.40 13.72 -7.21
C LEU A 110 -6.20 12.83 -7.53
N GLU A 111 -6.28 11.55 -7.12
CA GLU A 111 -5.15 10.61 -7.05
C GLU A 111 -5.65 9.27 -7.45
N LYS A 112 -5.01 8.72 -8.48
CA LYS A 112 -5.54 7.55 -9.15
C LYS A 112 -4.45 6.49 -9.13
N PRO A 113 -4.77 5.36 -8.51
CA PRO A 113 -3.84 4.23 -8.48
C PRO A 113 -3.94 3.48 -9.82
N ARG A 114 -2.80 3.19 -10.41
CA ARG A 114 -2.77 2.55 -11.72
C ARG A 114 -2.43 1.03 -11.58
N THR A 115 -2.85 0.25 -12.56
CA THR A 115 -2.49 -1.16 -12.62
C THR A 115 -0.97 -1.28 -12.84
N THR A 116 -0.42 -0.51 -13.78
CA THR A 116 1.03 -0.36 -13.85
C THR A 116 1.37 1.14 -13.84
N VAL A 117 1.24 1.81 -14.99
CA VAL A 117 1.54 3.26 -15.11
C VAL A 117 0.35 3.96 -15.78
N GLY A 118 0.40 5.28 -15.99
CA GLY A 118 -0.75 5.96 -16.55
C GLY A 118 -0.94 7.23 -15.74
N TRP A 119 -1.85 8.08 -16.19
CA TRP A 119 -2.09 9.35 -15.51
C TRP A 119 -2.54 9.07 -14.05
N LYS A 120 -1.84 9.68 -13.09
CA LYS A 120 -2.14 9.47 -11.63
C LYS A 120 -3.11 10.49 -11.00
N GLY A 121 -3.52 11.47 -11.79
CA GLY A 121 -4.54 12.44 -11.43
C GLY A 121 -4.06 13.88 -11.52
N LEU A 122 -4.95 14.77 -11.11
CA LEU A 122 -4.79 16.23 -11.08
C LEU A 122 -3.62 16.75 -10.25
N ILE A 123 -3.39 16.19 -9.06
CA ILE A 123 -2.18 16.63 -8.31
C ILE A 123 -0.90 16.32 -9.06
N ASN A 124 -0.78 15.06 -9.48
CA ASN A 124 0.48 14.59 -10.03
C ASN A 124 0.82 15.23 -11.36
N ASP A 125 -0.19 15.48 -12.19
CA ASP A 125 0.08 15.97 -13.55
C ASP A 125 -1.14 16.69 -14.08
N PRO A 126 -1.40 17.87 -13.54
CA PRO A 126 -2.64 18.61 -13.83
C PRO A 126 -2.84 19.00 -15.28
N ASP A 127 -1.74 19.16 -16.03
CA ASP A 127 -1.85 19.46 -17.49
C ASP A 127 -2.05 18.21 -18.37
N VAL A 128 -1.96 17.03 -17.75
CA VAL A 128 -2.24 15.76 -18.42
C VAL A 128 -1.37 15.59 -19.68
N ASN A 129 -0.10 15.88 -19.54
CA ASN A 129 0.82 15.83 -20.69
C ASN A 129 2.20 15.52 -20.22
N ASN A 130 2.29 14.81 -19.09
CA ASN A 130 3.58 14.34 -18.54
C ASN A 130 4.57 15.46 -18.23
N THR A 131 4.07 16.59 -17.74
CA THR A 131 4.98 17.62 -17.21
C THR A 131 5.05 17.64 -15.69
N PHE A 132 4.11 16.96 -15.03
CA PHE A 132 4.25 16.66 -13.62
C PHE A 132 4.46 17.90 -12.74
N ASN A 133 3.69 18.95 -13.03
CA ASN A 133 3.82 20.19 -12.31
C ASN A 133 3.02 20.06 -11.01
N ILE A 134 3.64 19.43 -10.00
CA ILE A 134 2.91 19.06 -8.76
C ILE A 134 2.49 20.28 -7.93
N ASN A 135 3.32 21.32 -7.86
CA ASN A 135 2.86 22.57 -7.23
C ASN A 135 1.60 23.14 -7.85
N LYS A 136 1.53 23.15 -9.16
CA LYS A 136 0.30 23.61 -9.80
C LYS A 136 -0.86 22.60 -9.56
N GLY A 137 -0.55 21.30 -9.49
CA GLY A 137 -1.58 20.31 -9.20
C GLY A 137 -2.21 20.49 -7.83
N LEU A 138 -1.36 20.77 -6.85
CA LEU A 138 -1.82 21.01 -5.49
C LEU A 138 -2.62 22.30 -5.47
N GLN A 139 -2.17 23.34 -6.18
CA GLN A 139 -3.00 24.54 -6.21
C GLN A 139 -4.32 24.28 -6.93
N SER A 140 -4.29 23.61 -8.06
CA SER A 140 -5.55 23.28 -8.72
C SER A 140 -6.43 22.44 -7.82
N ALA A 141 -5.86 21.42 -7.16
CA ALA A 141 -6.68 20.58 -6.27
C ALA A 141 -7.38 21.39 -5.19
N ARG A 142 -6.63 22.27 -4.52
CA ARG A 142 -7.19 22.97 -3.37
C ARG A 142 -8.20 23.97 -3.88
N GLN A 143 -7.88 24.67 -4.96
CA GLN A 143 -8.85 25.62 -5.57
C GLN A 143 -10.14 24.90 -5.95
N LEU A 144 -9.99 23.75 -6.58
CA LEU A 144 -11.15 22.89 -6.87
C LEU A 144 -11.95 22.55 -5.59
N PHE A 145 -11.26 22.12 -4.52
CA PHE A 145 -11.99 21.65 -3.32
C PHE A 145 -12.75 22.84 -2.70
N VAL A 146 -12.16 24.03 -2.77
CA VAL A 146 -12.81 25.23 -2.23
C VAL A 146 -14.03 25.57 -3.11
N ASN A 147 -13.85 25.56 -4.42
CA ASN A 147 -14.94 25.82 -5.36
C ASN A 147 -16.16 24.89 -5.09
N LEU A 148 -15.94 23.59 -4.99
CA LEU A 148 -17.06 22.65 -4.76
C LEU A 148 -17.78 22.85 -3.44
N THR A 149 -17.00 22.94 -2.35
CA THR A 149 -17.58 22.99 -1.02
C THR A 149 -18.22 24.32 -0.82
N ASN A 150 -17.69 25.32 -1.52
CA ASN A 150 -18.26 26.67 -1.43
C ASN A 150 -19.69 26.78 -1.95
N ILE A 151 -20.15 25.79 -2.73
CA ILE A 151 -21.60 25.78 -3.04
C ILE A 151 -22.44 24.99 -2.06
N GLY A 152 -21.82 24.48 -1.00
CA GLY A 152 -22.54 23.72 0.00
C GLY A 152 -22.65 22.25 -0.32
N LEU A 153 -21.85 21.78 -1.29
CA LEU A 153 -21.74 20.38 -1.70
C LEU A 153 -20.50 19.74 -1.06
N PRO A 154 -20.67 18.89 -0.08
CA PRO A 154 -19.49 18.21 0.55
C PRO A 154 -18.74 17.32 -0.41
N ILE A 155 -17.41 17.19 -0.24
CA ILE A 155 -16.67 16.31 -1.13
C ILE A 155 -15.92 15.12 -0.47
N GLY A 156 -15.54 14.17 -1.33
CA GLY A 156 -14.70 13.04 -0.95
C GLY A 156 -13.61 12.71 -1.96
N SER A 157 -12.56 12.01 -1.53
CA SER A 157 -11.45 11.68 -2.43
C SER A 157 -10.74 10.43 -1.91
N GLU A 158 -10.09 9.67 -2.79
CA GLU A 158 -9.26 8.57 -2.28
C GLU A 158 -7.96 9.13 -1.68
N MET A 159 -7.65 8.69 -0.47
CA MET A 159 -6.42 9.09 0.22
C MET A 159 -5.30 8.09 -0.20
N LEU A 160 -4.61 8.45 -1.26
CA LEU A 160 -3.67 7.54 -1.86
C LEU A 160 -2.31 7.96 -1.34
N ASP A 161 -2.05 9.25 -1.43
CA ASP A 161 -0.76 9.85 -1.02
C ASP A 161 -0.80 10.06 0.51
N THR A 162 0.25 9.73 1.26
CA THR A 162 0.18 10.02 2.70
C THR A 162 0.60 11.48 3.05
N ILE A 163 1.08 12.22 2.07
CA ILE A 163 1.48 13.63 2.30
C ILE A 163 0.46 14.63 1.87
N SER A 164 -0.24 14.40 0.77
CA SER A 164 -1.17 15.37 0.27
C SER A 164 -2.39 15.72 1.18
N PRO A 165 -2.85 14.82 2.05
CA PRO A 165 -3.98 15.17 2.93
C PRO A 165 -3.69 16.40 3.74
N GLN A 166 -2.44 16.65 4.15
CA GLN A 166 -2.06 17.93 4.83
C GLN A 166 -2.45 19.21 4.05
N TYR A 167 -2.45 19.15 2.73
CA TYR A 167 -2.83 20.27 1.86
C TYR A 167 -4.33 20.55 1.77
N LEU A 168 -5.16 19.57 2.12
CA LEU A 168 -6.51 19.45 1.59
C LEU A 168 -7.58 19.03 2.62
N ALA A 169 -7.15 18.42 3.72
CA ALA A 169 -8.04 17.79 4.71
C ALA A 169 -9.06 18.66 5.33
N ASP A 170 -8.84 19.96 5.41
CA ASP A 170 -9.80 20.80 6.09
C ASP A 170 -11.05 20.93 5.22
N LEU A 171 -10.98 20.41 3.99
CA LEU A 171 -12.12 20.56 3.06
C LEU A 171 -12.89 19.28 2.74
N VAL A 172 -12.43 18.18 3.30
CA VAL A 172 -12.82 16.83 2.89
C VAL A 172 -13.78 16.27 3.93
N SER A 173 -14.89 15.69 3.49
CA SER A 173 -15.83 15.02 4.40
C SER A 173 -15.78 13.50 4.40
N PHE A 174 -15.14 12.94 3.37
CA PHE A 174 -15.00 11.51 3.22
C PHE A 174 -13.73 11.14 2.50
N GLY A 175 -13.05 10.13 3.05
CA GLY A 175 -11.84 9.58 2.46
C GLY A 175 -11.98 8.07 2.17
N ALA A 176 -11.53 7.68 0.98
CA ALA A 176 -11.51 6.28 0.56
C ALA A 176 -10.09 5.75 0.52
N ILE A 177 -9.91 4.52 0.99
CA ILE A 177 -8.65 3.80 0.71
C ILE A 177 -8.96 2.76 -0.33
N GLY A 178 -8.21 2.80 -1.44
CA GLY A 178 -8.50 1.94 -2.60
C GLY A 178 -8.25 0.47 -2.27
N ALA A 179 -8.83 -0.46 -3.05
CA ALA A 179 -8.64 -1.90 -2.91
C ALA A 179 -7.17 -2.29 -2.85
N ARG A 180 -6.35 -1.56 -3.61
CA ARG A 180 -4.94 -1.88 -3.77
C ARG A 180 -4.09 -1.42 -2.59
N THR A 181 -4.68 -0.59 -1.73
CA THR A 181 -3.98 -0.09 -0.55
C THR A 181 -4.65 -0.36 0.80
N THR A 182 -5.80 -1.05 0.78
CA THR A 182 -6.47 -1.50 2.01
C THR A 182 -5.60 -2.35 2.94
N GLU A 183 -4.68 -3.14 2.39
CA GLU A 183 -3.80 -4.00 3.20
C GLU A 183 -2.57 -3.28 3.69
N SER A 184 -2.32 -2.07 3.18
CA SER A 184 -1.09 -1.35 3.42
C SER A 184 -1.09 -0.74 4.86
N GLN A 185 -0.12 -1.11 5.70
CA GLN A 185 -0.10 -0.54 7.03
C GLN A 185 0.06 0.99 6.95
N LEU A 186 0.72 1.56 5.94
CA LEU A 186 0.88 3.03 5.93
C LEU A 186 -0.50 3.73 5.80
N HIS A 187 -1.38 3.09 5.08
CA HIS A 187 -2.66 3.72 4.76
C HIS A 187 -3.61 3.49 5.92
N ARG A 188 -3.41 2.37 6.63
CA ARG A 188 -4.15 2.20 7.91
C ARG A 188 -3.72 3.20 8.95
N GLU A 189 -2.40 3.39 9.07
CA GLU A 189 -1.87 4.48 9.89
C GLU A 189 -2.45 5.85 9.50
N LEU A 190 -2.37 6.19 8.21
CA LEU A 190 -2.96 7.48 7.77
C LEU A 190 -4.38 7.65 8.19
N ALA A 191 -5.23 6.65 7.92
CA ALA A 191 -6.64 6.76 8.20
C ALA A 191 -6.89 7.04 9.71
N SER A 192 -6.04 6.49 10.59
CA SER A 192 -6.20 6.57 12.03
C SER A 192 -6.04 8.00 12.54
N GLY A 193 -5.48 8.87 11.71
CA GLY A 193 -5.29 10.29 12.01
C GLY A 193 -6.08 11.28 11.13
N LEU A 194 -6.98 10.80 10.24
CA LEU A 194 -7.84 11.72 9.46
C LEU A 194 -9.11 12.16 10.23
N SER A 195 -9.50 13.43 10.09
CA SER A 195 -10.63 13.97 10.87
C SER A 195 -12.02 13.68 10.28
N PHE A 196 -12.15 12.59 9.51
CA PHE A 196 -13.40 12.33 8.80
C PHE A 196 -13.55 10.82 8.58
N PRO A 197 -14.74 10.33 8.29
CA PRO A 197 -14.95 8.89 8.05
C PRO A 197 -14.17 8.39 6.82
N VAL A 198 -13.70 7.15 6.90
CA VAL A 198 -12.84 6.57 5.87
C VAL A 198 -13.43 5.22 5.49
N GLY A 199 -13.54 4.96 4.19
CA GLY A 199 -14.07 3.73 3.67
C GLY A 199 -12.91 2.94 3.09
N PHE A 200 -12.74 1.72 3.58
CA PHE A 200 -11.73 0.79 3.10
C PHE A 200 -12.40 -0.16 2.12
N LYS A 201 -11.86 -0.25 0.89
CA LYS A 201 -12.39 -1.17 -0.09
C LYS A 201 -11.91 -2.55 0.15
N ASN A 202 -12.74 -3.57 -0.14
CA ASN A 202 -12.28 -4.95 -0.08
C ASN A 202 -11.13 -5.14 -1.08
N GLY A 203 -10.39 -6.25 -0.96
CA GLY A 203 -9.22 -6.45 -1.81
C GLY A 203 -9.59 -6.75 -3.26
N THR A 204 -8.60 -6.64 -4.15
CA THR A 204 -8.86 -6.84 -5.60
C THR A 204 -9.27 -8.25 -5.90
N ASP A 205 -8.96 -9.19 -5.02
CA ASP A 205 -9.44 -10.54 -5.23
C ASP A 205 -10.93 -10.72 -4.87
N GLY A 206 -11.56 -9.70 -4.24
CA GLY A 206 -12.98 -9.81 -3.92
C GLY A 206 -13.26 -10.22 -2.49
N THR A 207 -12.24 -10.35 -1.64
CA THR A 207 -12.55 -10.78 -0.27
C THR A 207 -12.52 -9.61 0.69
N LEU A 208 -13.25 -9.80 1.76
CA LEU A 208 -13.65 -8.75 2.67
C LEU A 208 -12.76 -8.66 3.91
N ASN A 209 -12.06 -9.75 4.24
CA ASN A 209 -11.32 -9.85 5.49
C ASN A 209 -10.32 -8.69 5.62
N VAL A 210 -9.62 -8.36 4.54
CA VAL A 210 -8.59 -7.30 4.60
C VAL A 210 -9.16 -5.93 4.89
N ALA A 211 -10.39 -5.68 4.45
CA ALA A 211 -11.04 -4.38 4.79
C ALA A 211 -11.46 -4.34 6.26
N VAL A 212 -12.02 -5.43 6.73
CA VAL A 212 -12.43 -5.48 8.14
C VAL A 212 -11.13 -5.34 8.96
N ASP A 213 -10.07 -6.05 8.60
CA ASP A 213 -8.80 -5.88 9.35
C ASP A 213 -8.32 -4.42 9.30
N ALA A 214 -8.43 -3.76 8.14
CA ALA A 214 -7.97 -2.31 8.00
C ALA A 214 -8.76 -1.42 8.93
N CYS A 215 -10.08 -1.64 9.00
CA CYS A 215 -10.93 -0.81 9.87
C CYS A 215 -10.51 -0.97 11.33
N GLN A 216 -10.31 -2.21 11.77
CA GLN A 216 -9.86 -2.42 13.16
C GLN A 216 -8.51 -1.75 13.39
N ALA A 217 -7.59 -1.86 12.42
CA ALA A 217 -6.24 -1.35 12.64
C ALA A 217 -6.34 0.19 12.71
N ALA A 218 -7.13 0.83 11.83
CA ALA A 218 -7.22 2.31 11.76
C ALA A 218 -7.94 2.91 12.96
N ALA A 219 -8.68 2.04 13.66
CA ALA A 219 -9.37 2.49 14.85
C ALA A 219 -8.43 2.64 16.04
N HIS A 220 -7.19 2.15 15.88
CA HIS A 220 -6.21 2.23 16.97
C HIS A 220 -5.37 3.47 16.80
N SER A 221 -4.79 3.92 17.92
CA SER A 221 -3.80 4.98 17.91
C SER A 221 -2.53 4.42 17.25
N HIS A 222 -1.90 5.18 16.35
CA HIS A 222 -0.58 4.80 15.82
C HIS A 222 0.48 5.90 16.01
N HIS A 223 1.76 5.50 15.98
CA HIS A 223 2.92 6.42 16.03
C HIS A 223 3.67 6.13 14.73
N PHE A 224 3.88 7.17 13.91
CA PHE A 224 4.67 6.97 12.70
C PHE A 224 5.28 8.27 12.26
N MET A 225 6.24 8.18 11.33
CA MET A 225 6.89 9.38 10.79
C MET A 225 6.00 9.93 9.74
N GLY A 226 5.75 11.24 9.77
CA GLY A 226 4.84 11.90 8.85
C GLY A 226 5.27 13.34 8.60
N VAL A 227 4.60 14.04 7.71
CA VAL A 227 4.96 15.41 7.34
C VAL A 227 4.03 16.39 8.01
N THR A 228 4.58 17.48 8.57
CA THR A 228 3.74 18.48 9.24
C THR A 228 3.25 19.52 8.27
N LYS A 229 2.31 20.35 8.72
CA LYS A 229 1.87 21.54 7.96
C LYS A 229 2.99 22.43 7.46
N HIS A 230 4.14 22.43 8.15
CA HIS A 230 5.24 23.24 7.66
C HIS A 230 6.12 22.44 6.68
N GLY A 231 5.74 21.21 6.34
CA GLY A 231 6.49 20.48 5.36
C GLY A 231 7.72 19.74 5.87
N VAL A 232 7.89 19.60 7.19
CA VAL A 232 8.98 18.80 7.70
C VAL A 232 8.48 17.52 8.34
N ALA A 233 9.30 16.48 8.25
CA ALA A 233 9.01 15.18 8.86
C ALA A 233 9.07 15.24 10.42
N ALA A 234 8.13 14.59 11.09
CA ALA A 234 8.18 14.53 12.53
C ALA A 234 7.44 13.23 12.87
N ILE A 235 7.50 12.83 14.13
CA ILE A 235 6.77 11.64 14.60
C ILE A 235 5.35 12.08 14.90
N THR A 236 4.37 11.40 14.28
CA THR A 236 2.96 11.72 14.45
C THR A 236 2.34 10.70 15.40
N THR A 237 1.51 11.11 16.37
CA THR A 237 0.71 10.20 17.13
C THR A 237 -0.75 10.46 16.80
N THR A 238 -1.47 9.43 16.38
CA THR A 238 -2.88 9.58 16.06
C THR A 238 -3.72 9.04 17.19
N LYS A 239 -4.99 9.40 17.11
CA LYS A 239 -5.95 9.03 18.12
C LYS A 239 -6.63 7.73 17.76
N GLY A 240 -6.59 7.32 16.49
CA GLY A 240 -7.46 6.20 16.11
C GLY A 240 -8.76 6.71 15.59
N ASN A 241 -9.28 6.03 14.56
CA ASN A 241 -10.46 6.53 13.79
C ASN A 241 -11.60 5.55 13.82
N GLU A 242 -12.62 5.85 14.62
CA GLU A 242 -13.73 4.91 14.81
C GLU A 242 -14.77 5.01 13.72
N HIS A 243 -14.55 5.83 12.70
CA HIS A 243 -15.54 6.02 11.64
C HIS A 243 -15.06 5.44 10.34
N CYS A 244 -14.43 4.25 10.42
CA CYS A 244 -13.99 3.56 9.23
C CYS A 244 -15.05 2.50 8.96
N PHE A 245 -15.22 2.17 7.69
CA PHE A 245 -16.25 1.19 7.28
C PHE A 245 -15.78 0.54 6.00
N VAL A 246 -16.39 -0.59 5.69
CA VAL A 246 -16.03 -1.44 4.54
C VAL A 246 -16.86 -1.05 3.36
N ILE A 247 -16.18 -0.93 2.22
CA ILE A 247 -16.83 -0.74 0.93
C ILE A 247 -16.70 -1.98 0.09
N LEU A 248 -17.85 -2.52 -0.33
CA LEU A 248 -17.92 -3.70 -1.14
C LEU A 248 -17.87 -3.33 -2.64
N ARG A 249 -16.81 -3.78 -3.30
CA ARG A 249 -16.53 -3.34 -4.64
C ARG A 249 -16.18 -4.51 -5.60
N GLY A 250 -16.58 -5.73 -5.16
CA GLY A 250 -16.46 -6.93 -5.99
C GLY A 250 -15.02 -7.26 -6.18
N GLY A 251 -14.72 -8.01 -7.22
CA GLY A 251 -13.33 -8.32 -7.53
C GLY A 251 -13.21 -9.66 -8.24
N LYS A 252 -12.00 -10.22 -8.24
CA LYS A 252 -11.75 -11.46 -9.05
C LYS A 252 -12.66 -12.64 -8.70
N LYS A 253 -12.98 -12.84 -7.43
CA LYS A 253 -13.88 -13.96 -7.13
C LYS A 253 -15.36 -13.72 -7.44
N GLY A 254 -15.72 -12.50 -7.89
CA GLY A 254 -17.08 -12.19 -8.26
C GLY A 254 -17.61 -10.90 -7.65
N THR A 255 -18.82 -10.51 -8.03
CA THR A 255 -19.43 -9.28 -7.49
C THR A 255 -19.96 -9.57 -6.09
N ASN A 256 -20.14 -8.55 -5.28
CA ASN A 256 -20.59 -8.79 -3.88
C ASN A 256 -21.58 -7.76 -3.38
N TYR A 257 -22.52 -7.36 -4.21
CA TYR A 257 -23.58 -6.41 -3.83
C TYR A 257 -24.94 -7.08 -3.52
N ASP A 258 -25.09 -8.36 -3.83
CA ASP A 258 -26.34 -9.12 -3.66
C ASP A 258 -26.56 -9.51 -2.18
N ALA A 259 -27.77 -9.98 -1.87
CA ALA A 259 -28.17 -10.24 -0.50
C ALA A 259 -27.33 -11.33 0.19
N LYS A 260 -26.86 -12.33 -0.56
CA LYS A 260 -26.03 -13.37 0.08
C LYS A 260 -24.63 -12.85 0.39
N SER A 261 -23.99 -12.19 -0.57
CA SER A 261 -22.69 -11.56 -0.23
C SER A 261 -22.86 -10.59 0.95
N VAL A 262 -23.93 -9.80 0.96
CA VAL A 262 -24.18 -8.89 2.09
C VAL A 262 -24.32 -9.62 3.46
N ALA A 263 -25.16 -10.67 3.50
CA ALA A 263 -25.26 -11.52 4.69
C ALA A 263 -23.91 -12.11 5.11
N GLU A 264 -23.11 -12.53 4.15
CA GLU A 264 -21.82 -13.13 4.47
C GLU A 264 -20.86 -12.04 4.96
N ALA A 265 -20.97 -10.83 4.42
CA ALA A 265 -20.20 -9.68 4.93
C ALA A 265 -20.62 -9.32 6.39
N LYS A 266 -21.95 -9.27 6.66
CA LYS A 266 -22.42 -8.99 8.03
C LYS A 266 -21.91 -10.09 9.00
N ALA A 267 -21.97 -11.36 8.61
CA ALA A 267 -21.40 -12.44 9.44
C ALA A 267 -19.96 -12.26 9.95
N GLN A 268 -19.11 -11.55 9.19
CA GLN A 268 -17.73 -11.31 9.54
C GLN A 268 -17.45 -10.01 10.27
N LEU A 269 -18.48 -9.18 10.48
CA LEU A 269 -18.21 -7.87 11.13
C LEU A 269 -18.02 -8.09 12.62
N PRO A 270 -17.00 -7.50 13.22
CA PRO A 270 -16.83 -7.56 14.66
C PRO A 270 -17.84 -6.66 15.35
N ALA A 271 -18.00 -6.86 16.67
CA ALA A 271 -18.81 -5.96 17.46
C ALA A 271 -18.28 -4.51 17.27
N GLY A 272 -19.15 -3.52 17.33
CA GLY A 272 -18.67 -2.16 17.11
C GLY A 272 -18.59 -1.75 15.65
N SER A 273 -18.87 -2.66 14.70
CA SER A 273 -18.80 -2.31 13.27
C SER A 273 -19.79 -1.24 12.81
N ASN A 274 -19.32 -0.42 11.87
CA ASN A 274 -20.11 0.57 11.19
C ASN A 274 -20.89 -0.08 10.05
N GLY A 275 -21.81 0.65 9.44
CA GLY A 275 -22.58 0.07 8.36
C GLY A 275 -21.76 -0.11 7.09
N LEU A 276 -22.27 -0.93 6.19
CA LEU A 276 -21.56 -1.25 4.95
C LEU A 276 -21.86 -0.24 3.81
N MET A 277 -20.90 -0.01 2.91
CA MET A 277 -21.16 0.74 1.68
C MET A 277 -20.96 -0.17 0.45
N ILE A 278 -21.84 -0.03 -0.56
CA ILE A 278 -21.67 -0.87 -1.74
C ILE A 278 -21.30 0.03 -2.89
N ASP A 279 -20.16 -0.26 -3.50
CA ASP A 279 -19.69 0.43 -4.72
C ASP A 279 -20.37 -0.26 -5.93
N TYR A 280 -21.18 0.50 -6.69
CA TYR A 280 -21.86 0.01 -7.93
C TYR A 280 -20.87 -0.23 -9.06
N SER A 281 -19.76 0.50 -9.03
CA SER A 281 -18.76 0.40 -10.10
C SER A 281 -17.60 -0.58 -9.83
N HIS A 282 -16.51 -0.41 -10.58
CA HIS A 282 -15.31 -1.22 -10.36
C HIS A 282 -15.66 -2.70 -10.43
N GLY A 283 -15.17 -3.52 -9.50
CA GLY A 283 -15.44 -4.97 -9.56
C GLY A 283 -16.95 -5.30 -9.54
N ASN A 284 -17.80 -4.45 -8.99
CA ASN A 284 -19.21 -4.81 -8.99
C ASN A 284 -19.96 -4.55 -10.31
N SER A 285 -19.28 -3.84 -11.24
CA SER A 285 -19.78 -3.59 -12.59
C SER A 285 -19.31 -4.49 -13.72
N ASN A 286 -18.36 -5.40 -13.44
CA ASN A 286 -17.97 -6.47 -14.42
C ASN A 286 -17.47 -5.93 -15.73
N LYS A 287 -16.70 -4.86 -15.70
CA LYS A 287 -16.10 -4.29 -16.89
C LYS A 287 -17.06 -3.37 -17.74
N ASP A 288 -18.17 -2.93 -17.15
CA ASP A 288 -19.20 -2.23 -17.91
C ASP A 288 -20.00 -1.17 -17.11
N PHE A 289 -19.79 0.11 -17.35
CA PHE A 289 -20.52 1.15 -16.58
C PHE A 289 -22.07 1.07 -16.64
N ARG A 290 -22.59 0.50 -17.74
CA ARG A 290 -24.00 0.18 -17.90
C ARG A 290 -24.54 -0.76 -16.80
N ASN A 291 -23.67 -1.47 -16.09
CA ASN A 291 -24.16 -2.35 -14.99
C ASN A 291 -24.48 -1.54 -13.70
N GLN A 292 -24.00 -0.29 -13.59
CA GLN A 292 -24.23 0.41 -12.30
C GLN A 292 -25.72 0.51 -11.97
N PRO A 293 -26.63 0.83 -12.93
CA PRO A 293 -28.05 0.86 -12.58
C PRO A 293 -28.61 -0.50 -12.23
N LYS A 294 -28.02 -1.56 -12.71
CA LYS A 294 -28.52 -2.89 -12.38
C LYS A 294 -28.10 -3.21 -10.95
N VAL A 295 -26.93 -2.73 -10.53
CA VAL A 295 -26.52 -3.00 -9.15
C VAL A 295 -27.46 -2.20 -8.28
N ASN A 296 -27.74 -0.94 -8.68
CA ASN A 296 -28.74 -0.14 -8.00
C ASN A 296 -30.05 -0.88 -7.77
N ASP A 297 -30.60 -1.52 -8.80
CA ASP A 297 -31.84 -2.30 -8.63
C ASP A 297 -31.73 -3.34 -7.57
N VAL A 298 -30.62 -4.06 -7.55
CA VAL A 298 -30.44 -5.13 -6.54
C VAL A 298 -30.25 -4.56 -5.13
N VAL A 299 -29.56 -3.42 -5.06
CA VAL A 299 -29.32 -2.79 -3.77
C VAL A 299 -30.57 -2.16 -3.21
N CYS A 300 -31.29 -1.45 -4.08
CA CYS A 300 -32.58 -0.88 -3.71
C CYS A 300 -33.55 -1.94 -3.19
N GLU A 301 -33.58 -3.09 -3.86
CA GLU A 301 -34.47 -4.18 -3.46
C GLU A 301 -34.17 -4.61 -2.00
N GLN A 302 -32.89 -4.81 -1.66
CA GLN A 302 -32.52 -5.13 -0.27
C GLN A 302 -32.92 -3.99 0.65
N ILE A 303 -32.63 -2.77 0.28
CA ILE A 303 -32.93 -1.64 1.20
C ILE A 303 -34.46 -1.54 1.48
N ALA A 304 -35.24 -1.59 0.39
CA ALA A 304 -36.69 -1.38 0.44
C ALA A 304 -37.33 -2.47 1.24
N ASN A 305 -36.73 -3.66 1.20
CA ASN A 305 -37.15 -4.80 2.00
C ASN A 305 -36.68 -4.83 3.44
N GLY A 306 -36.02 -3.79 3.92
CA GLY A 306 -35.65 -3.82 5.33
C GLY A 306 -34.18 -3.97 5.70
N GLU A 307 -33.29 -4.16 4.71
CA GLU A 307 -31.86 -4.24 5.00
C GLU A 307 -31.31 -2.96 5.63
N ASN A 308 -31.01 -3.04 6.91
CA ASN A 308 -30.39 -1.90 7.58
C ASN A 308 -28.87 -1.88 7.65
N ALA A 309 -28.22 -2.96 7.24
CA ALA A 309 -26.75 -2.92 7.29
C ALA A 309 -26.12 -2.12 6.13
N ILE A 310 -26.90 -1.83 5.12
CA ILE A 310 -26.37 -1.15 3.92
C ILE A 310 -26.67 0.30 4.22
N THR A 311 -25.64 1.08 4.51
CA THR A 311 -25.84 2.47 4.87
C THR A 311 -25.26 3.42 3.85
N GLY A 312 -24.55 2.88 2.84
CA GLY A 312 -23.95 3.75 1.87
C GLY A 312 -23.84 3.12 0.51
N VAL A 313 -23.64 3.94 -0.53
CA VAL A 313 -23.42 3.42 -1.87
C VAL A 313 -22.44 4.33 -2.54
N MET A 314 -21.73 3.78 -3.52
CA MET A 314 -20.80 4.57 -4.27
C MET A 314 -21.05 4.44 -5.79
N ILE A 315 -21.01 5.56 -6.52
CA ILE A 315 -21.41 5.60 -7.92
C ILE A 315 -20.40 6.39 -8.78
N GLU A 316 -19.92 5.79 -9.86
CA GLU A 316 -19.06 6.55 -10.76
C GLU A 316 -19.92 7.16 -11.91
N SER A 317 -20.02 8.50 -11.85
CA SER A 317 -21.01 9.32 -12.55
C SER A 317 -20.28 10.58 -13.10
N ASN A 318 -20.63 11.00 -14.31
CA ASN A 318 -20.02 12.16 -14.91
C ASN A 318 -21.13 12.87 -15.67
N ILE A 319 -20.83 14.02 -16.27
CA ILE A 319 -21.85 14.70 -17.08
C ILE A 319 -22.27 13.80 -18.24
N ASN A 320 -21.29 13.23 -18.95
CA ASN A 320 -21.63 12.31 -20.03
C ASN A 320 -21.09 10.94 -19.70
N GLU A 321 -21.63 9.90 -20.35
CA GLU A 321 -21.24 8.52 -20.05
C GLU A 321 -19.95 8.07 -20.72
N GLY A 322 -19.43 6.92 -20.28
CA GLY A 322 -18.34 6.25 -20.99
C GLY A 322 -17.05 6.90 -20.53
N ASN A 323 -16.00 6.74 -21.33
CA ASN A 323 -14.67 7.34 -21.07
C ASN A 323 -13.96 7.59 -22.43
N GLN A 324 -12.71 8.06 -22.38
CA GLN A 324 -11.99 8.47 -23.58
C GLN A 324 -10.48 8.36 -23.27
N GLY A 325 -9.66 8.05 -24.27
CA GLY A 325 -8.22 8.16 -24.14
C GLY A 325 -7.68 9.59 -24.27
N ILE A 326 -6.38 9.73 -24.06
CA ILE A 326 -5.71 11.01 -23.97
C ILE A 326 -5.03 11.20 -25.33
N PRO A 327 -5.48 12.13 -26.19
CA PRO A 327 -5.07 12.14 -27.60
C PRO A 327 -4.12 13.29 -27.95
N ALA A 332 -6.53 19.29 -23.96
CA ALA A 332 -6.40 19.80 -25.32
C ALA A 332 -7.42 19.17 -26.32
N GLY A 333 -7.20 17.91 -26.69
CA GLY A 333 -8.08 17.26 -27.64
C GLY A 333 -9.23 16.47 -27.00
N LEU A 334 -9.43 16.61 -25.68
CA LEU A 334 -10.47 15.84 -24.95
C LEU A 334 -11.89 16.38 -25.09
N LYS A 335 -12.86 15.47 -25.24
CA LYS A 335 -14.27 15.82 -25.23
C LYS A 335 -14.74 16.25 -23.82
N TYR A 336 -15.63 17.23 -23.77
CA TYR A 336 -16.09 17.85 -22.52
C TYR A 336 -16.90 16.91 -21.65
N GLY A 337 -16.58 16.86 -20.35
CA GLY A 337 -17.35 16.10 -19.38
C GLY A 337 -17.43 14.58 -19.60
N VAL A 338 -16.38 14.03 -20.19
CA VAL A 338 -16.17 12.60 -20.35
C VAL A 338 -14.89 12.20 -19.63
N SER A 339 -14.98 11.10 -18.89
CA SER A 339 -13.90 10.56 -18.05
C SER A 339 -12.65 10.18 -18.81
N ILE A 340 -11.49 10.55 -18.30
CA ILE A 340 -10.28 10.03 -18.92
C ILE A 340 -9.70 8.88 -18.09
N THR A 341 -10.44 8.39 -17.09
CA THR A 341 -10.03 7.14 -16.38
C THR A 341 -11.16 6.10 -16.49
N ASP A 342 -11.69 5.55 -15.39
CA ASP A 342 -12.84 4.59 -15.55
C ASP A 342 -14.10 5.18 -16.18
N ALA A 343 -14.86 4.31 -16.86
CA ALA A 343 -16.10 4.68 -17.52
C ALA A 343 -17.18 4.97 -16.48
N CYS A 344 -17.95 6.05 -16.69
CA CYS A 344 -19.00 6.45 -15.78
C CYS A 344 -20.37 6.41 -16.45
N ILE A 345 -21.44 6.33 -15.63
CA ILE A 345 -22.78 6.60 -16.11
C ILE A 345 -22.90 8.12 -16.28
N GLY A 346 -23.74 8.55 -17.23
CA GLY A 346 -23.90 9.97 -17.50
C GLY A 346 -24.87 10.57 -16.52
N TRP A 347 -25.16 11.84 -16.67
CA TRP A 347 -25.90 12.57 -15.67
C TRP A 347 -27.32 12.08 -15.59
N GLU A 348 -27.95 11.96 -16.76
CA GLU A 348 -29.35 11.58 -16.82
C GLU A 348 -29.57 10.25 -16.13
N THR A 349 -28.69 9.27 -16.40
CA THR A 349 -28.80 7.97 -15.74
C THR A 349 -28.66 8.12 -14.24
N THR A 350 -27.73 8.99 -13.83
CA THR A 350 -27.51 9.26 -12.40
C THR A 350 -28.73 9.75 -11.66
N GLU A 351 -29.41 10.76 -12.23
CA GLU A 351 -30.63 11.28 -11.62
C GLU A 351 -31.62 10.14 -11.44
N ASP A 352 -31.72 9.27 -12.43
CA ASP A 352 -32.68 8.18 -12.32
C ASP A 352 -32.31 7.25 -11.18
N VAL A 353 -31.02 6.90 -11.15
CA VAL A 353 -30.52 5.94 -10.15
C VAL A 353 -30.77 6.51 -8.78
N LEU A 354 -30.46 7.78 -8.57
CA LEU A 354 -30.58 8.34 -7.21
C LEU A 354 -32.03 8.49 -6.71
N ARG A 355 -32.93 8.79 -7.66
CA ARG A 355 -34.37 8.97 -7.36
C ARG A 355 -34.93 7.68 -6.86
N LYS A 356 -34.51 6.62 -7.55
CA LYS A 356 -34.90 5.29 -7.27
C LYS A 356 -34.32 4.87 -5.93
N LEU A 357 -33.08 5.25 -5.66
CA LEU A 357 -32.48 4.98 -4.36
C LEU A 357 -33.20 5.71 -3.21
N ALA A 358 -33.53 6.98 -3.41
CA ALA A 358 -34.36 7.68 -2.45
C ALA A 358 -35.69 6.94 -2.12
N ALA A 359 -36.34 6.42 -3.17
CA ALA A 359 -37.59 5.71 -3.04
C ALA A 359 -37.42 4.50 -2.15
N ALA A 360 -36.35 3.76 -2.38
CA ALA A 360 -36.05 2.58 -1.57
C ALA A 360 -35.83 2.95 -0.09
N VAL A 361 -35.08 4.02 0.17
CA VAL A 361 -34.91 4.58 1.54
C VAL A 361 -36.25 4.87 2.28
N ARG A 362 -37.19 5.50 1.59
CA ARG A 362 -38.52 5.73 2.11
C ARG A 362 -39.25 4.43 2.41
N GLN A 363 -39.24 3.49 1.46
CA GLN A 363 -39.83 2.18 1.69
C GLN A 363 -39.19 1.50 2.91
N ARG A 364 -37.87 1.66 3.09
CA ARG A 364 -37.24 0.97 4.23
C ARG A 364 -37.83 1.49 5.54
N ARG A 365 -38.03 2.80 5.63
CA ARG A 365 -38.64 3.42 6.82
C ARG A 365 -39.95 2.77 7.12
N GLU A 366 -40.69 2.43 6.06
CA GLU A 366 -42.02 1.86 6.27
C GLU A 366 -41.85 0.45 6.84
N VAL A 367 -40.88 -0.29 6.33
CA VAL A 367 -40.64 -1.63 6.85
C VAL A 367 -40.20 -1.63 8.34
N ASN A 368 -39.39 -0.65 8.74
CA ASN A 368 -38.85 -0.51 10.10
C ASN A 368 -39.84 -0.06 11.18
N LYS A 369 -40.95 0.55 10.80
CA LYS A 369 -41.98 0.86 11.79
C LYS A 369 -42.82 -0.39 11.89
N ASP B 22 -7.46 18.97 12.65
CA ASP B 22 -6.50 17.90 13.18
C ASP B 22 -7.07 17.24 14.47
N VAL B 23 -8.37 16.98 14.43
CA VAL B 23 -9.06 16.34 15.56
C VAL B 23 -8.47 14.94 15.93
N ARG B 24 -7.81 14.22 15.00
CA ARG B 24 -7.29 12.86 15.32
C ARG B 24 -5.73 12.77 15.36
N ILE B 25 -5.07 13.92 15.34
CA ILE B 25 -3.59 14.03 15.59
C ILE B 25 -3.35 14.41 17.06
N LEU B 26 -2.80 13.51 17.88
CA LEU B 26 -2.54 13.77 19.30
C LEU B 26 -1.36 14.73 19.47
N GLY B 27 -0.42 14.64 18.52
CA GLY B 27 0.72 15.54 18.51
C GLY B 27 1.82 15.13 17.54
N TYR B 28 2.88 15.95 17.52
CA TYR B 28 4.04 15.72 16.71
C TYR B 28 5.25 15.89 17.59
N ASP B 29 6.09 14.85 17.63
CA ASP B 29 7.36 14.89 18.35
C ASP B 29 8.52 14.98 17.33
N PRO B 30 9.59 15.68 17.73
CA PRO B 30 10.68 15.96 16.82
C PRO B 30 11.43 14.72 16.47
N LEU B 31 11.98 14.82 15.27
CA LEU B 31 12.62 13.73 14.60
C LEU B 31 14.00 14.20 14.08
N ALA B 32 15.05 13.46 14.46
CA ALA B 32 16.35 13.65 13.92
C ALA B 32 16.21 13.47 12.38
N SER B 33 16.90 14.29 11.56
CA SER B 33 16.83 14.18 10.12
C SER B 33 17.72 13.02 9.65
N PRO B 34 17.46 12.49 8.49
CA PRO B 34 18.31 11.39 8.00
C PRO B 34 19.79 11.81 8.01
N ALA B 35 20.05 13.03 7.53
CA ALA B 35 21.45 13.48 7.41
C ALA B 35 22.12 13.53 8.74
N LEU B 36 21.39 14.01 9.74
CA LEU B 36 21.93 14.09 11.08
C LEU B 36 22.32 12.67 11.57
N LEU B 37 21.41 11.71 11.40
CA LEU B 37 21.71 10.35 11.84
C LEU B 37 22.89 9.72 11.09
N GLN B 38 22.99 10.01 9.81
CA GLN B 38 24.14 9.51 9.07
C GLN B 38 25.48 10.05 9.57
N VAL B 39 25.48 11.26 10.14
CA VAL B 39 26.68 11.87 10.71
C VAL B 39 26.91 11.33 12.12
N GLN B 40 25.84 11.19 12.90
CA GLN B 40 25.97 10.70 14.27
C GLN B 40 26.34 9.22 14.31
N ILE B 41 25.90 8.45 13.29
CA ILE B 41 26.22 7.01 13.29
C ILE B 41 26.86 6.66 11.97
N PRO B 42 28.15 7.04 11.75
CA PRO B 42 28.70 6.98 10.39
C PRO B 42 28.96 5.52 9.96
N ALA B 43 28.75 5.26 8.69
CA ALA B 43 29.10 3.95 8.17
C ALA B 43 30.66 3.89 8.09
N THR B 44 31.27 2.74 8.32
CA THR B 44 32.67 2.56 8.01
C THR B 44 32.87 2.31 6.52
N PRO B 45 34.11 2.48 6.07
CA PRO B 45 34.51 2.09 4.71
C PRO B 45 34.17 0.62 4.41
N THR B 46 34.41 -0.31 5.36
CA THR B 46 33.98 -1.69 5.14
C THR B 46 32.47 -1.83 4.95
N SER B 47 31.69 -1.15 5.81
CA SER B 47 30.24 -1.10 5.71
C SER B 47 29.82 -0.66 4.30
N LEU B 48 30.42 0.40 3.77
CA LEU B 48 29.94 0.91 2.49
C LEU B 48 30.33 0.00 1.36
N GLU B 49 31.56 -0.51 1.40
CA GLU B 49 32.03 -1.40 0.37
C GLU B 49 31.20 -2.68 0.34
N THR B 50 30.81 -3.18 1.51
CA THR B 50 29.98 -4.37 1.63
C THR B 50 28.60 -4.20 1.02
N ALA B 51 27.95 -3.10 1.33
CA ALA B 51 26.68 -2.80 0.78
C ALA B 51 26.78 -2.73 -0.74
N LYS B 52 27.79 -2.06 -1.30
CA LYS B 52 27.99 -1.98 -2.75
C LYS B 52 28.17 -3.36 -3.33
N ARG B 53 28.97 -4.18 -2.66
CA ARG B 53 29.24 -5.50 -3.19
C ARG B 53 27.99 -6.38 -3.23
N GLY B 54 27.22 -6.31 -2.14
CA GLY B 54 25.97 -7.04 -2.04
C GLY B 54 25.04 -6.67 -3.18
N ARG B 55 24.98 -5.39 -3.53
CA ARG B 55 24.18 -4.97 -4.64
C ARG B 55 24.69 -5.49 -5.94
N ARG B 56 26.00 -5.41 -6.18
CA ARG B 56 26.54 -5.94 -7.44
C ARG B 56 26.22 -7.42 -7.57
N GLU B 57 26.49 -8.16 -6.49
CA GLU B 57 26.31 -9.59 -6.57
C GLU B 57 24.86 -9.95 -6.83
N ALA B 58 23.96 -9.32 -6.10
CA ALA B 58 22.53 -9.60 -6.27
C ALA B 58 22.03 -9.21 -7.71
N ILE B 59 22.49 -8.07 -8.22
CA ILE B 59 22.19 -7.65 -9.58
C ILE B 59 22.67 -8.69 -10.61
N ASP B 60 23.91 -9.16 -10.45
CA ASP B 60 24.46 -10.16 -11.39
C ASP B 60 23.63 -11.43 -11.38
N ILE B 61 23.12 -11.83 -10.22
CA ILE B 61 22.36 -13.08 -10.19
C ILE B 61 20.96 -12.92 -10.77
N ILE B 62 20.23 -11.87 -10.38
CA ILE B 62 18.85 -11.74 -10.88
C ILE B 62 18.78 -11.42 -12.35
N THR B 63 19.86 -10.90 -12.92
CA THR B 63 19.85 -10.53 -14.38
C THR B 63 20.52 -11.58 -15.21
N GLY B 64 20.89 -12.69 -14.55
CA GLY B 64 21.35 -13.87 -15.22
C GLY B 64 22.81 -13.82 -15.67
N LYS B 65 23.62 -12.90 -15.16
CA LYS B 65 25.04 -12.86 -15.49
C LYS B 65 25.84 -13.87 -14.66
N ASP B 66 25.33 -14.23 -13.50
CA ASP B 66 26.04 -15.12 -12.60
C ASP B 66 25.14 -16.35 -12.38
N ASP B 67 25.74 -17.53 -12.21
CA ASP B 67 24.89 -18.70 -12.06
C ASP B 67 24.76 -19.19 -10.59
N ARG B 68 25.29 -18.43 -9.64
CA ARG B 68 25.03 -18.71 -8.23
C ARG B 68 23.59 -18.36 -7.90
N VAL B 69 23.13 -18.77 -6.71
CA VAL B 69 21.77 -18.40 -6.29
C VAL B 69 21.87 -17.34 -5.18
N LEU B 70 21.00 -16.34 -5.28
CA LEU B 70 20.95 -15.25 -4.32
C LEU B 70 20.07 -15.70 -3.12
N VAL B 71 20.62 -15.70 -1.91
CA VAL B 71 19.92 -16.20 -0.72
C VAL B 71 19.64 -15.01 0.28
N ILE B 72 18.37 -14.70 0.57
CA ILE B 72 18.11 -13.67 1.58
C ILE B 72 17.70 -14.46 2.80
N VAL B 73 18.57 -14.53 3.79
CA VAL B 73 18.35 -15.51 4.88
C VAL B 73 18.55 -14.82 6.28
N GLY B 74 17.64 -15.04 7.21
CA GLY B 74 17.86 -14.60 8.56
C GLY B 74 16.51 -14.40 9.19
N PRO B 75 16.52 -13.76 10.37
CA PRO B 75 15.32 -13.65 11.19
C PRO B 75 14.09 -13.03 10.46
N CYS B 76 12.90 -13.42 10.90
CA CYS B 76 11.73 -12.71 10.47
C CYS B 76 11.86 -11.20 10.85
N SER B 77 12.23 -10.93 12.11
CA SER B 77 12.50 -9.56 12.60
C SER B 77 13.68 -9.50 13.57
N ILE B 78 14.29 -8.32 13.66
CA ILE B 78 15.39 -8.12 14.60
C ILE B 78 14.79 -7.40 15.79
N HIS B 79 14.81 -8.03 16.96
CA HIS B 79 14.47 -7.32 18.21
C HIS B 79 15.62 -7.21 19.20
N ASP B 80 16.78 -7.74 18.85
CA ASP B 80 17.84 -7.91 19.84
C ASP B 80 19.10 -7.74 19.03
N LEU B 81 19.81 -6.61 19.23
CA LEU B 81 20.96 -6.31 18.39
C LEU B 81 22.10 -7.29 18.57
N GLU B 82 22.33 -7.75 19.82
CA GLU B 82 23.52 -8.55 20.13
C GLU B 82 23.30 -9.93 19.54
N ALA B 83 22.07 -10.44 19.71
CA ALA B 83 21.72 -11.72 19.06
C ALA B 83 21.86 -11.66 17.54
N ALA B 84 21.44 -10.54 16.95
CA ALA B 84 21.57 -10.40 15.52
C ALA B 84 23.04 -10.42 15.13
N GLN B 85 23.91 -9.83 15.98
CA GLN B 85 25.32 -9.82 15.68
C GLN B 85 25.91 -11.23 15.72
N GLU B 86 25.52 -12.01 16.73
CA GLU B 86 26.01 -13.39 16.83
C GLU B 86 25.57 -14.20 15.61
N TYR B 87 24.31 -14.06 15.24
CA TYR B 87 23.78 -14.71 14.05
C TYR B 87 24.56 -14.21 12.82
N ALA B 88 24.82 -12.90 12.72
CA ALA B 88 25.58 -12.41 11.55
C ALA B 88 26.95 -13.05 11.47
N LEU B 89 27.58 -13.24 12.62
CA LEU B 89 28.93 -13.83 12.62
C LEU B 89 28.91 -15.26 12.11
N ARG B 90 27.99 -16.08 12.58
CA ARG B 90 27.84 -17.44 12.00
C ARG B 90 27.57 -17.42 10.49
N LEU B 91 26.63 -16.57 10.07
CA LEU B 91 26.20 -16.55 8.67
C LEU B 91 27.31 -16.01 7.78
N LYS B 92 28.11 -15.08 8.32
CA LYS B 92 29.24 -14.57 7.53
C LYS B 92 30.24 -15.70 7.32
N LYS B 93 30.46 -16.55 8.32
CA LYS B 93 31.36 -17.72 8.15
C LYS B 93 30.81 -18.77 7.14
N LEU B 94 29.53 -19.06 7.21
CA LEU B 94 28.92 -19.94 6.24
C LEU B 94 29.01 -19.33 4.85
N SER B 95 28.79 -18.04 4.79
CA SER B 95 28.82 -17.38 3.50
C SER B 95 30.26 -17.50 2.83
N ASP B 96 31.32 -17.34 3.61
CA ASP B 96 32.68 -17.64 3.13
C ASP B 96 32.81 -19.07 2.65
N GLU B 97 32.22 -20.04 3.33
CA GLU B 97 32.30 -21.43 2.89
C GLU B 97 31.58 -21.69 1.57
N LEU B 98 30.43 -21.05 1.40
CA LEU B 98 29.59 -21.33 0.25
C LEU B 98 29.59 -20.31 -0.88
N LYS B 99 30.53 -19.38 -0.86
CA LYS B 99 30.45 -18.29 -1.80
C LYS B 99 30.72 -18.63 -3.27
N GLY B 100 31.26 -19.83 -3.60
CA GLY B 100 31.39 -20.19 -5.01
C GLY B 100 30.01 -20.43 -5.62
N ASP B 101 29.01 -20.69 -4.77
CA ASP B 101 27.70 -21.14 -5.20
C ASP B 101 26.54 -20.26 -4.75
N LEU B 102 26.66 -19.62 -3.60
CA LEU B 102 25.56 -18.75 -3.10
C LEU B 102 26.06 -17.36 -2.81
N SER B 103 25.25 -16.33 -3.11
CA SER B 103 25.53 -14.98 -2.61
C SER B 103 24.53 -14.74 -1.47
N ILE B 104 25.02 -14.53 -0.25
CA ILE B 104 24.16 -14.51 0.90
C ILE B 104 23.96 -13.10 1.39
N ILE B 105 22.73 -12.76 1.70
CA ILE B 105 22.42 -11.46 2.24
C ILE B 105 21.59 -11.72 3.47
N MET B 106 21.90 -11.07 4.58
CA MET B 106 21.18 -11.37 5.81
C MET B 106 19.87 -10.58 5.87
N ARG B 107 18.78 -11.23 6.26
CA ARG B 107 17.52 -10.52 6.60
C ARG B 107 17.72 -9.76 7.86
N ALA B 108 17.74 -8.43 7.76
CA ALA B 108 17.77 -7.59 8.98
C ALA B 108 16.53 -6.72 8.96
N TYR B 109 15.38 -7.33 9.20
CA TYR B 109 14.11 -6.65 8.99
C TYR B 109 13.69 -5.82 10.20
N LEU B 110 13.57 -4.50 9.94
CA LEU B 110 13.26 -3.51 10.97
C LEU B 110 11.77 -3.14 11.09
N GLU B 111 10.98 -3.42 10.06
CA GLU B 111 9.60 -2.93 9.92
C GLU B 111 8.69 -4.09 9.56
N LYS B 112 7.66 -4.28 10.36
CA LYS B 112 6.81 -5.50 10.25
C LYS B 112 5.36 -5.12 10.03
N PRO B 113 4.79 -5.58 8.90
CA PRO B 113 3.37 -5.31 8.59
C PRO B 113 2.53 -6.31 9.40
N ARG B 114 1.53 -5.78 10.11
CA ARG B 114 0.63 -6.62 10.89
C ARG B 114 -0.66 -6.83 10.17
N THR B 115 -1.25 -7.97 10.46
CA THR B 115 -2.59 -8.29 10.01
C THR B 115 -3.63 -7.25 10.43
N THR B 116 -3.61 -6.92 11.74
CA THR B 116 -4.30 -5.76 12.28
C THR B 116 -3.34 -4.84 13.05
N VAL B 117 -3.01 -5.20 14.30
CA VAL B 117 -2.10 -4.42 15.15
C VAL B 117 -1.11 -5.38 15.83
N GLY B 118 -0.12 -4.83 16.53
CA GLY B 118 0.97 -5.64 17.03
C GLY B 118 2.29 -4.94 16.78
N TRP B 119 3.34 -5.47 17.41
CA TRP B 119 4.66 -4.89 17.33
C TRP B 119 5.10 -4.66 15.85
N LYS B 120 5.39 -3.40 15.50
CA LYS B 120 5.78 -3.09 14.11
C LYS B 120 7.30 -3.22 13.79
N GLY B 121 8.09 -3.46 14.84
CA GLY B 121 9.52 -3.66 14.68
C GLY B 121 10.40 -2.68 15.46
N LEU B 122 11.71 -2.84 15.26
CA LEU B 122 12.77 -2.09 15.89
C LEU B 122 12.68 -0.57 15.76
N ILE B 123 12.45 -0.07 14.55
CA ILE B 123 12.35 1.40 14.42
C ILE B 123 11.16 1.92 15.20
N ASN B 124 10.00 1.36 14.97
CA ASN B 124 8.79 1.91 15.57
C ASN B 124 8.71 1.78 17.09
N ASP B 125 9.22 0.69 17.67
CA ASP B 125 9.11 0.54 19.11
C ASP B 125 10.26 -0.35 19.63
N PRO B 126 11.45 0.23 19.70
CA PRO B 126 12.65 -0.61 19.96
C PRO B 126 12.64 -1.28 21.36
N ASP B 127 11.93 -0.69 22.32
CA ASP B 127 11.87 -1.24 23.68
C ASP B 127 10.78 -2.32 23.72
N VAL B 128 10.11 -2.55 22.60
CA VAL B 128 9.03 -3.55 22.51
C VAL B 128 8.10 -3.46 23.75
N ASN B 129 7.65 -2.27 24.07
CA ASN B 129 6.76 -2.14 25.23
C ASN B 129 5.76 -1.03 25.05
N ASN B 130 5.40 -0.76 23.80
CA ASN B 130 4.44 0.33 23.49
C ASN B 130 4.81 1.73 24.00
N THR B 131 6.08 2.11 23.89
CA THR B 131 6.47 3.50 24.17
C THR B 131 6.89 4.23 22.91
N PHE B 132 7.17 3.48 21.84
CA PHE B 132 7.32 4.07 20.51
C PHE B 132 8.45 5.14 20.42
N ASN B 133 9.60 4.85 21.00
CA ASN B 133 10.73 5.80 20.90
C ASN B 133 11.38 5.66 19.50
N ILE B 134 10.76 6.33 18.54
CA ILE B 134 11.14 6.18 17.14
C ILE B 134 12.52 6.79 16.88
N ASN B 135 12.87 7.93 17.48
CA ASN B 135 14.28 8.34 17.37
C ASN B 135 15.32 7.28 17.84
N LYS B 136 15.07 6.63 18.97
CA LYS B 136 15.98 5.61 19.46
C LYS B 136 15.92 4.38 18.51
N GLY B 137 14.74 4.08 18.00
CA GLY B 137 14.59 2.98 17.06
C GLY B 137 15.46 3.21 15.83
N LEU B 138 15.45 4.46 15.32
CA LEU B 138 16.23 4.77 14.15
C LEU B 138 17.70 4.75 14.46
N GLN B 139 18.11 5.22 15.66
CA GLN B 139 19.52 5.06 16.05
C GLN B 139 19.92 3.59 16.20
N SER B 140 19.08 2.77 16.83
CA SER B 140 19.38 1.33 16.98
C SER B 140 19.42 0.66 15.61
N ALA B 141 18.42 0.98 14.76
CA ALA B 141 18.43 0.49 13.38
C ALA B 141 19.75 0.77 12.61
N ARG B 142 20.22 2.02 12.62
CA ARG B 142 21.44 2.32 11.85
C ARG B 142 22.70 1.76 12.49
N GLN B 143 22.77 1.77 13.82
CA GLN B 143 23.94 1.17 14.49
C GLN B 143 24.01 -0.34 14.14
N LEU B 144 22.84 -0.97 14.10
CA LEU B 144 22.73 -2.39 13.71
C LEU B 144 23.22 -2.65 12.30
N PHE B 145 22.70 -1.85 11.37
CA PHE B 145 23.05 -1.97 9.95
C PHE B 145 24.54 -1.72 9.76
N VAL B 146 25.07 -0.71 10.42
CA VAL B 146 26.51 -0.50 10.34
C VAL B 146 27.25 -1.71 10.91
N ASN B 147 26.84 -2.19 12.09
CA ASN B 147 27.58 -3.29 12.80
C ASN B 147 27.65 -4.60 11.92
N LEU B 148 26.53 -4.93 11.28
CA LEU B 148 26.43 -6.10 10.42
C LEU B 148 27.29 -5.89 9.17
N THR B 149 27.13 -4.77 8.49
CA THR B 149 27.84 -4.64 7.24
C THR B 149 29.32 -4.46 7.53
N ASN B 150 29.67 -4.05 8.75
CA ASN B 150 31.10 -3.84 9.11
C ASN B 150 31.84 -5.17 9.23
N ILE B 151 31.12 -6.31 9.36
CA ILE B 151 31.87 -7.55 9.38
C ILE B 151 31.90 -8.15 7.98
N GLY B 152 31.38 -7.41 6.98
CA GLY B 152 31.48 -7.84 5.60
C GLY B 152 30.29 -8.66 5.11
N LEU B 153 29.20 -8.60 5.85
CA LEU B 153 27.95 -9.28 5.48
C LEU B 153 26.88 -8.28 4.96
N PRO B 154 26.44 -8.37 3.69
CA PRO B 154 25.36 -7.51 3.19
C PRO B 154 24.05 -7.85 3.87
N ILE B 155 23.13 -6.87 3.95
CA ILE B 155 21.88 -7.00 4.65
C ILE B 155 20.75 -6.57 3.79
N GLY B 156 19.56 -7.08 4.10
CA GLY B 156 18.41 -6.70 3.32
C GLY B 156 17.25 -6.44 4.30
N SER B 157 16.22 -5.70 3.89
CA SER B 157 15.11 -5.39 4.78
C SER B 157 13.84 -5.12 4.00
N GLU B 158 12.66 -5.33 4.61
CA GLU B 158 11.44 -4.89 3.95
C GLU B 158 11.33 -3.34 4.03
N MET B 159 11.10 -2.73 2.85
CA MET B 159 10.84 -1.31 2.75
C MET B 159 9.33 -1.10 2.95
N LEU B 160 8.93 -0.92 4.18
CA LEU B 160 7.52 -0.68 4.44
C LEU B 160 7.20 0.79 4.53
N ASP B 161 7.99 1.50 5.32
CA ASP B 161 7.86 2.95 5.56
C ASP B 161 8.53 3.64 4.34
N THR B 162 7.91 4.63 3.72
CA THR B 162 8.57 5.34 2.63
C THR B 162 9.55 6.45 3.09
N ILE B 163 9.62 6.76 4.39
CA ILE B 163 10.57 7.78 4.93
C ILE B 163 11.86 7.15 5.50
N SER B 164 11.74 6.03 6.22
CA SER B 164 12.86 5.20 6.76
C SER B 164 14.08 5.01 5.87
N PRO B 165 13.89 4.74 4.60
CA PRO B 165 15.05 4.42 3.74
C PRO B 165 16.03 5.53 3.66
N GLN B 166 15.58 6.77 3.88
CA GLN B 166 16.49 7.93 3.83
C GLN B 166 17.54 7.82 4.91
N TYR B 167 17.18 7.18 6.02
CA TYR B 167 18.05 7.00 7.18
C TYR B 167 19.04 5.88 7.04
N LEU B 168 18.80 4.95 6.10
CA LEU B 168 19.46 3.63 6.15
C LEU B 168 19.93 3.02 4.81
N ALA B 169 19.45 3.60 3.70
CA ALA B 169 19.68 3.09 2.33
C ALA B 169 21.12 2.94 1.94
N ASP B 170 21.96 3.81 2.48
CA ASP B 170 23.34 3.66 2.08
C ASP B 170 23.92 2.31 2.60
N LEU B 171 23.23 1.65 3.53
CA LEU B 171 23.80 0.44 4.11
C LEU B 171 23.19 -0.86 3.53
N VAL B 172 22.21 -0.71 2.66
CA VAL B 172 21.26 -1.83 2.35
C VAL B 172 21.59 -2.36 0.96
N SER B 173 21.62 -3.69 0.76
CA SER B 173 21.92 -4.25 -0.58
C SER B 173 20.69 -4.86 -1.34
N PHE B 174 19.55 -4.97 -0.63
CA PHE B 174 18.32 -5.59 -1.10
C PHE B 174 17.15 -5.07 -0.29
N GLY B 175 16.07 -4.75 -1.02
CA GLY B 175 14.83 -4.34 -0.39
C GLY B 175 13.65 -5.23 -0.80
N ALA B 176 12.79 -5.52 0.15
CA ALA B 176 11.61 -6.32 -0.14
C ALA B 176 10.40 -5.47 -0.03
N ILE B 177 9.47 -5.66 -0.95
CA ILE B 177 8.15 -5.03 -0.79
C ILE B 177 7.23 -6.16 -0.42
N GLY B 178 6.56 -6.07 0.74
CA GLY B 178 5.83 -7.24 1.23
C GLY B 178 4.54 -7.48 0.45
N ALA B 179 3.96 -8.68 0.64
CA ALA B 179 2.75 -9.13 -0.05
C ALA B 179 1.62 -8.12 0.08
N ARG B 180 1.53 -7.45 1.22
CA ARG B 180 0.39 -6.53 1.50
C ARG B 180 0.58 -5.14 0.88
N THR B 181 1.80 -4.86 0.43
CA THR B 181 2.05 -3.57 -0.20
C THR B 181 2.49 -3.64 -1.65
N THR B 182 2.62 -4.84 -2.23
CA THR B 182 3.06 -4.96 -3.61
C THR B 182 2.11 -4.21 -4.56
N GLU B 183 0.83 -4.15 -4.18
CA GLU B 183 -0.17 -3.45 -4.97
C GLU B 183 -0.16 -1.93 -4.83
N SER B 184 0.52 -1.42 -3.81
CA SER B 184 0.48 0.02 -3.43
C SER B 184 1.33 0.89 -4.36
N GLN B 185 0.69 1.86 -5.03
CA GLN B 185 1.38 2.73 -5.94
C GLN B 185 2.49 3.47 -5.22
N LEU B 186 2.34 3.74 -3.89
CA LEU B 186 3.41 4.44 -3.12
C LEU B 186 4.70 3.61 -3.00
N HIS B 187 4.55 2.30 -2.86
CA HIS B 187 5.68 1.42 -2.72
C HIS B 187 6.37 1.16 -4.05
N ARG B 188 5.59 1.11 -5.15
CA ARG B 188 6.18 1.04 -6.49
C ARG B 188 6.98 2.29 -6.86
N GLU B 189 6.39 3.46 -6.58
CA GLU B 189 7.13 4.76 -6.58
C GLU B 189 8.45 4.70 -5.78
N LEU B 190 8.34 4.34 -4.51
CA LEU B 190 9.50 4.20 -3.65
C LEU B 190 10.55 3.31 -4.31
N ALA B 191 10.15 2.13 -4.77
CA ALA B 191 11.12 1.16 -5.27
C ALA B 191 11.84 1.78 -6.48
N SER B 192 11.12 2.59 -7.25
CA SER B 192 11.65 3.11 -8.51
C SER B 192 12.82 4.04 -8.27
N GLY B 193 13.00 4.49 -7.02
CA GLY B 193 14.12 5.36 -6.67
C GLY B 193 15.14 4.79 -5.69
N LEU B 194 15.06 3.50 -5.39
CA LEU B 194 16.01 2.90 -4.49
C LEU B 194 17.22 2.42 -5.30
N SER B 195 18.41 2.66 -4.75
CA SER B 195 19.72 2.31 -5.32
C SER B 195 20.11 0.78 -5.27
N PHE B 196 19.14 -0.13 -5.11
CA PHE B 196 19.51 -1.57 -4.96
C PHE B 196 18.30 -2.41 -5.43
N PRO B 197 18.49 -3.70 -5.72
CA PRO B 197 17.45 -4.59 -6.15
C PRO B 197 16.32 -4.69 -5.16
N VAL B 198 15.11 -4.80 -5.70
CA VAL B 198 13.89 -4.88 -4.86
C VAL B 198 13.08 -6.11 -5.27
N GLY B 199 12.68 -6.93 -4.31
CA GLY B 199 11.87 -8.11 -4.61
C GLY B 199 10.43 -7.76 -4.20
N PHE B 200 9.51 -7.76 -5.15
CA PHE B 200 8.06 -7.62 -4.88
C PHE B 200 7.46 -9.02 -4.64
N LYS B 201 6.88 -9.24 -3.44
CA LYS B 201 6.18 -10.47 -3.12
C LYS B 201 4.86 -10.59 -3.85
N ASN B 202 4.45 -11.82 -4.19
CA ASN B 202 3.11 -11.98 -4.80
C ASN B 202 2.02 -11.57 -3.80
N GLY B 203 0.78 -11.40 -4.25
CA GLY B 203 -0.27 -10.89 -3.36
C GLY B 203 -0.66 -11.91 -2.31
N THR B 204 -1.36 -11.50 -1.27
CA THR B 204 -1.74 -12.50 -0.25
C THR B 204 -2.71 -13.60 -0.78
N ASP B 205 -3.34 -13.41 -1.93
CA ASP B 205 -4.16 -14.45 -2.52
C ASP B 205 -3.36 -15.53 -3.24
N GLY B 206 -2.05 -15.33 -3.35
CA GLY B 206 -1.16 -16.30 -3.93
C GLY B 206 -0.97 -16.13 -5.42
N THR B 207 -1.49 -15.07 -6.03
CA THR B 207 -1.23 -14.92 -7.46
C THR B 207 -0.17 -13.84 -7.70
N LEU B 208 0.52 -13.97 -8.83
CA LEU B 208 1.76 -13.25 -9.13
C LEU B 208 1.53 -11.98 -9.97
N ASN B 209 0.37 -11.85 -10.60
CA ASN B 209 0.07 -10.73 -11.53
C ASN B 209 0.39 -9.38 -10.90
N VAL B 210 -0.03 -9.19 -9.65
CA VAL B 210 0.23 -7.92 -8.99
C VAL B 210 1.73 -7.66 -8.80
N ALA B 211 2.51 -8.73 -8.62
CA ALA B 211 3.95 -8.51 -8.48
C ALA B 211 4.61 -8.18 -9.83
N VAL B 212 4.14 -8.85 -10.89
CA VAL B 212 4.64 -8.53 -12.22
C VAL B 212 4.27 -7.06 -12.51
N ASP B 213 3.04 -6.66 -12.21
CA ASP B 213 2.61 -5.25 -12.45
C ASP B 213 3.54 -4.29 -11.66
N ALA B 214 3.88 -4.68 -10.44
CA ALA B 214 4.69 -3.84 -9.56
C ALA B 214 6.07 -3.64 -10.17
N CYS B 215 6.65 -4.72 -10.65
CA CYS B 215 8.00 -4.66 -11.27
C CYS B 215 8.01 -3.73 -12.49
N GLN B 216 7.00 -3.87 -13.34
CA GLN B 216 6.89 -2.99 -14.50
C GLN B 216 6.77 -1.53 -14.03
N ALA B 217 5.85 -1.31 -13.11
CA ALA B 217 5.64 0.06 -12.58
C ALA B 217 6.93 0.66 -12.03
N ALA B 218 7.68 -0.12 -11.24
CA ALA B 218 8.86 0.42 -10.54
C ALA B 218 9.98 0.69 -11.50
N ALA B 219 9.89 0.07 -12.69
CA ALA B 219 10.93 0.22 -13.70
C ALA B 219 10.80 1.60 -14.43
N HIS B 220 9.68 2.32 -14.23
CA HIS B 220 9.46 3.62 -14.85
C HIS B 220 9.91 4.74 -13.89
N SER B 221 10.15 5.92 -14.48
CA SER B 221 10.49 7.13 -13.76
C SER B 221 9.21 7.57 -13.10
N HIS B 222 9.26 8.02 -11.85
CA HIS B 222 8.07 8.55 -11.17
C HIS B 222 8.34 9.95 -10.62
N HIS B 223 7.29 10.77 -10.54
CA HIS B 223 7.28 12.04 -9.81
C HIS B 223 6.32 11.96 -8.61
N PHE B 224 6.83 12.23 -7.40
CA PHE B 224 5.94 12.19 -6.21
C PHE B 224 6.51 12.98 -5.01
N MET B 225 5.68 13.31 -4.01
CA MET B 225 6.21 14.08 -2.87
C MET B 225 6.92 13.09 -1.99
N GLY B 226 8.10 13.44 -1.49
CA GLY B 226 8.90 12.52 -0.69
C GLY B 226 9.75 13.30 0.28
N VAL B 227 10.41 12.65 1.22
CA VAL B 227 11.20 13.40 2.22
C VAL B 227 12.70 13.38 1.88
N THR B 228 13.35 14.56 1.87
CA THR B 228 14.78 14.69 1.67
C THR B 228 15.62 14.27 2.89
N LYS B 229 16.91 14.14 2.66
CA LYS B 229 17.91 13.98 3.73
C LYS B 229 17.89 15.03 4.83
N HIS B 230 17.39 16.24 4.52
CA HIS B 230 17.29 17.26 5.60
C HIS B 230 15.90 17.21 6.28
N GLY B 231 15.08 16.23 5.90
CA GLY B 231 13.80 16.00 6.59
C GLY B 231 12.66 16.90 6.15
N VAL B 232 12.75 17.44 4.94
CA VAL B 232 11.59 18.20 4.44
C VAL B 232 11.01 17.59 3.20
N ALA B 233 9.72 17.80 3.03
CA ALA B 233 8.97 17.32 1.88
C ALA B 233 9.47 18.04 0.63
N ALA B 234 9.77 17.30 -0.43
CA ALA B 234 10.03 17.92 -1.73
C ALA B 234 9.44 17.00 -2.81
N ILE B 235 9.42 17.46 -4.05
CA ILE B 235 9.02 16.62 -5.18
C ILE B 235 10.22 15.83 -5.64
N THR B 236 10.11 14.51 -5.62
CA THR B 236 11.19 13.60 -6.00
C THR B 236 10.97 13.14 -7.42
N THR B 237 12.02 13.06 -8.23
CA THR B 237 11.91 12.40 -9.51
C THR B 237 12.84 11.22 -9.50
N THR B 238 12.31 10.07 -9.87
CA THR B 238 13.14 8.86 -9.82
C THR B 238 13.55 8.44 -11.24
N LYS B 239 14.57 7.63 -11.32
CA LYS B 239 15.03 7.11 -12.60
C LYS B 239 14.25 5.88 -13.05
N GLY B 240 13.60 5.13 -12.16
CA GLY B 240 13.11 3.84 -12.60
C GLY B 240 14.13 2.76 -12.20
N ASN B 241 13.62 1.62 -11.73
CA ASN B 241 14.46 0.57 -11.16
C ASN B 241 14.27 -0.69 -11.96
N GLU B 242 15.29 -1.03 -12.74
CA GLU B 242 15.17 -2.21 -13.58
C GLU B 242 15.68 -3.47 -12.87
N HIS B 243 16.06 -3.37 -11.61
CA HIS B 243 16.45 -4.54 -10.78
C HIS B 243 15.38 -5.02 -9.78
N CYS B 244 14.10 -4.94 -10.20
CA CYS B 244 12.97 -5.48 -9.44
C CYS B 244 12.62 -6.90 -9.91
N PHE B 245 12.29 -7.76 -8.97
CA PHE B 245 11.94 -9.15 -9.36
C PHE B 245 10.82 -9.66 -8.48
N VAL B 246 10.22 -10.77 -8.92
CA VAL B 246 9.07 -11.33 -8.25
C VAL B 246 9.54 -12.29 -7.19
N ILE B 247 9.00 -12.18 -5.98
CA ILE B 247 9.18 -13.21 -4.97
C ILE B 247 7.91 -14.06 -4.78
N LEU B 248 8.08 -15.38 -4.93
CA LEU B 248 6.96 -16.33 -4.80
C LEU B 248 6.80 -16.76 -3.33
N ARG B 249 5.67 -16.45 -2.69
CA ARG B 249 5.60 -16.70 -1.22
C ARG B 249 4.26 -17.36 -0.80
N GLY B 250 3.64 -18.01 -1.79
CA GLY B 250 2.33 -18.67 -1.62
C GLY B 250 1.20 -17.70 -1.31
N GLY B 251 0.16 -18.21 -0.64
CA GLY B 251 -1.01 -17.40 -0.40
C GLY B 251 -2.26 -18.28 -0.40
N LYS B 252 -3.39 -17.63 -0.40
CA LYS B 252 -4.66 -18.40 -0.33
C LYS B 252 -4.96 -19.42 -1.47
N LYS B 253 -4.55 -19.15 -2.70
CA LYS B 253 -4.67 -20.13 -3.81
C LYS B 253 -3.71 -21.30 -3.69
N GLY B 254 -2.84 -21.31 -2.67
CA GLY B 254 -1.93 -22.44 -2.44
C GLY B 254 -0.45 -22.05 -2.48
N THR B 255 0.42 -23.05 -2.29
CA THR B 255 1.85 -22.76 -2.26
C THR B 255 2.30 -22.56 -3.71
N ASN B 256 3.45 -21.93 -3.93
CA ASN B 256 3.86 -21.78 -5.32
C ASN B 256 5.35 -21.95 -5.54
N TYR B 257 5.95 -22.96 -4.87
CA TYR B 257 7.38 -23.18 -5.01
C TYR B 257 7.66 -24.38 -5.91
N ASP B 258 6.59 -25.06 -6.35
CA ASP B 258 6.78 -26.27 -7.14
C ASP B 258 6.98 -26.09 -8.63
N ALA B 259 7.34 -27.15 -9.34
CA ALA B 259 7.65 -26.98 -10.76
C ALA B 259 6.44 -26.47 -11.57
N LYS B 260 5.24 -26.92 -11.26
CA LYS B 260 4.07 -26.43 -11.99
C LYS B 260 3.89 -24.92 -11.66
N SER B 261 4.01 -24.53 -10.41
CA SER B 261 3.86 -23.11 -10.06
C SER B 261 4.95 -22.24 -10.74
N VAL B 262 6.17 -22.74 -10.79
CA VAL B 262 7.25 -22.01 -11.44
C VAL B 262 7.01 -21.95 -13.00
N ALA B 263 6.51 -23.04 -13.60
CA ALA B 263 6.16 -23.01 -15.03
C ALA B 263 5.07 -21.95 -15.26
N GLU B 264 4.07 -21.82 -14.37
CA GLU B 264 3.00 -20.82 -14.61
C GLU B 264 3.55 -19.45 -14.43
N ALA B 265 4.40 -19.29 -13.40
CA ALA B 265 5.10 -18.02 -13.17
C ALA B 265 5.85 -17.55 -14.44
N LYS B 266 6.71 -18.41 -14.98
CA LYS B 266 7.49 -18.07 -16.19
C LYS B 266 6.61 -17.73 -17.39
N ALA B 267 5.53 -18.50 -17.57
CA ALA B 267 4.53 -18.19 -18.58
C ALA B 267 3.96 -16.76 -18.51
N GLN B 268 4.01 -16.17 -17.33
CA GLN B 268 3.42 -14.88 -17.13
C GLN B 268 4.42 -13.74 -17.18
N LEU B 269 5.72 -14.04 -17.31
CA LEU B 269 6.73 -12.97 -17.21
C LEU B 269 6.85 -12.25 -18.52
N PRO B 270 6.88 -10.91 -18.52
CA PRO B 270 7.12 -10.15 -19.74
C PRO B 270 8.56 -10.27 -20.23
N ALA B 271 8.75 -9.91 -21.50
CA ALA B 271 10.12 -9.77 -21.99
C ALA B 271 10.86 -8.83 -21.05
N GLY B 272 12.13 -9.07 -20.87
CA GLY B 272 12.88 -8.17 -20.00
C GLY B 272 12.82 -8.61 -18.55
N SER B 273 12.03 -9.60 -18.20
CA SER B 273 12.00 -10.03 -16.78
C SER B 273 13.30 -10.53 -16.18
N ASN B 274 13.45 -10.26 -14.88
CA ASN B 274 14.51 -10.75 -14.03
C ASN B 274 14.13 -12.13 -13.52
N GLY B 275 15.10 -12.87 -12.95
CA GLY B 275 14.86 -14.17 -12.34
C GLY B 275 13.92 -14.14 -11.13
N LEU B 276 13.32 -15.28 -10.86
CA LEU B 276 12.36 -15.48 -9.78
C LEU B 276 13.05 -15.79 -8.49
N MET B 277 12.52 -15.26 -7.38
CA MET B 277 12.95 -15.71 -6.07
C MET B 277 11.84 -16.53 -5.42
N ILE B 278 12.20 -17.60 -4.70
CA ILE B 278 11.16 -18.35 -3.97
C ILE B 278 11.34 -18.21 -2.48
N ASP B 279 10.32 -17.69 -1.79
CA ASP B 279 10.37 -17.63 -0.34
C ASP B 279 9.92 -18.98 0.20
N TYR B 280 10.79 -19.63 0.98
CA TYR B 280 10.48 -20.93 1.59
C TYR B 280 9.45 -20.82 2.73
N SER B 281 9.38 -19.61 3.32
CA SER B 281 8.54 -19.38 4.49
C SER B 281 7.17 -18.79 4.17
N HIS B 282 6.51 -18.16 5.16
CA HIS B 282 5.19 -17.51 4.95
C HIS B 282 4.19 -18.46 4.32
N GLY B 283 3.56 -18.05 3.24
CA GLY B 283 2.56 -18.93 2.67
C GLY B 283 3.17 -20.22 2.10
N ASN B 284 4.42 -20.18 1.65
CA ASN B 284 4.99 -21.45 1.17
C ASN B 284 5.26 -22.53 2.22
N SER B 285 5.20 -22.17 3.50
CA SER B 285 5.39 -23.11 4.61
C SER B 285 4.10 -23.54 5.29
N ASN B 286 2.99 -22.97 4.83
CA ASN B 286 1.67 -23.42 5.27
C ASN B 286 1.54 -23.32 6.78
N LYS B 287 1.98 -22.24 7.36
CA LYS B 287 1.87 -22.07 8.81
C LYS B 287 2.76 -23.04 9.68
N ASP B 288 3.88 -23.51 9.11
CA ASP B 288 4.76 -24.40 9.80
C ASP B 288 6.21 -24.20 9.37
N PHE B 289 7.00 -23.56 10.21
CA PHE B 289 8.40 -23.30 9.89
C PHE B 289 9.18 -24.56 9.53
N ARG B 290 8.74 -25.71 10.10
CA ARG B 290 9.44 -26.99 9.82
C ARG B 290 9.26 -27.45 8.40
N ASN B 291 8.36 -26.78 7.67
CA ASN B 291 8.23 -27.03 6.22
C ASN B 291 9.32 -26.37 5.33
N GLN B 292 10.02 -25.36 5.86
CA GLN B 292 11.01 -24.70 5.00
C GLN B 292 12.11 -25.66 4.41
N PRO B 293 12.64 -26.60 5.18
CA PRO B 293 13.57 -27.56 4.58
C PRO B 293 12.92 -28.47 3.52
N LYS B 294 11.64 -28.75 3.62
CA LYS B 294 10.94 -29.49 2.57
C LYS B 294 10.72 -28.68 1.28
N VAL B 295 10.38 -27.41 1.42
CA VAL B 295 10.38 -26.51 0.28
C VAL B 295 11.79 -26.50 -0.39
N ASN B 296 12.86 -26.37 0.43
CA ASN B 296 14.23 -26.43 -0.07
C ASN B 296 14.50 -27.67 -0.95
N ASP B 297 14.09 -28.86 -0.50
CA ASP B 297 14.27 -30.07 -1.27
C ASP B 297 13.54 -29.94 -2.60
N VAL B 298 12.34 -29.39 -2.58
CA VAL B 298 11.60 -29.29 -3.82
C VAL B 298 12.25 -28.28 -4.80
N VAL B 299 12.73 -27.18 -4.25
CA VAL B 299 13.38 -26.17 -5.06
C VAL B 299 14.74 -26.62 -5.58
N CYS B 300 15.55 -27.26 -4.72
CA CYS B 300 16.82 -27.80 -5.10
C CYS B 300 16.65 -28.80 -6.28
N GLU B 301 15.57 -29.57 -6.28
CA GLU B 301 15.37 -30.58 -7.33
C GLU B 301 15.16 -29.87 -8.64
N GLN B 302 14.44 -28.73 -8.61
CA GLN B 302 14.24 -27.99 -9.88
C GLN B 302 15.57 -27.44 -10.35
N ILE B 303 16.25 -26.72 -9.46
CA ILE B 303 17.55 -26.15 -9.79
C ILE B 303 18.53 -27.23 -10.33
N ALA B 304 18.69 -28.32 -9.58
CA ALA B 304 19.70 -29.31 -9.90
C ALA B 304 19.38 -29.91 -11.30
N ASN B 305 18.12 -29.96 -11.68
CA ASN B 305 17.73 -30.48 -12.99
C ASN B 305 17.70 -29.43 -14.10
N GLY B 306 18.28 -28.27 -13.84
CA GLY B 306 18.45 -27.27 -14.89
C GLY B 306 17.50 -26.07 -14.95
N GLU B 307 16.68 -25.87 -13.90
CA GLU B 307 15.80 -24.70 -13.86
C GLU B 307 16.63 -23.49 -13.64
N ASN B 308 16.69 -22.64 -14.68
CA ASN B 308 17.50 -21.42 -14.67
C ASN B 308 16.74 -20.15 -14.27
N ALA B 309 15.41 -20.20 -14.31
CA ALA B 309 14.60 -19.06 -13.89
C ALA B 309 14.54 -18.81 -12.40
N ILE B 310 14.90 -19.81 -11.59
CA ILE B 310 15.02 -19.65 -10.15
C ILE B 310 16.41 -19.14 -9.84
N THR B 311 16.46 -17.94 -9.33
CA THR B 311 17.74 -17.29 -9.11
C THR B 311 17.90 -16.79 -7.68
N GLY B 312 16.85 -16.96 -6.90
CA GLY B 312 16.84 -16.47 -5.50
C GLY B 312 15.97 -17.30 -4.60
N VAL B 313 16.34 -17.37 -3.32
CA VAL B 313 15.49 -18.01 -2.32
C VAL B 313 15.50 -17.08 -1.11
N MET B 314 14.45 -17.18 -0.30
CA MET B 314 14.36 -16.42 0.92
C MET B 314 14.02 -17.42 2.00
N ILE B 315 14.61 -17.22 3.18
CA ILE B 315 14.53 -18.23 4.25
C ILE B 315 14.41 -17.52 5.60
N GLU B 316 13.41 -17.88 6.43
CA GLU B 316 13.37 -17.33 7.79
C GLU B 316 14.11 -18.23 8.77
N SER B 317 15.21 -17.71 9.28
CA SER B 317 16.21 -18.45 9.98
C SER B 317 16.65 -17.60 11.17
N ASN B 318 16.87 -18.27 12.28
CA ASN B 318 17.40 -17.59 13.48
C ASN B 318 18.43 -18.46 14.21
N ILE B 319 18.99 -17.97 15.34
CA ILE B 319 19.94 -18.78 16.15
C ILE B 319 19.25 -20.10 16.64
N ASN B 320 18.12 -19.91 17.29
CA ASN B 320 17.26 -21.01 17.70
C ASN B 320 15.95 -21.06 16.94
N GLU B 321 15.32 -22.22 16.90
CA GLU B 321 14.22 -22.42 15.99
C GLU B 321 12.96 -22.03 16.71
N GLY B 322 11.85 -21.89 15.96
CA GLY B 322 10.53 -21.66 16.51
C GLY B 322 10.28 -20.18 16.67
N ASN B 323 9.30 -19.86 17.53
CA ASN B 323 9.00 -18.45 17.86
C ASN B 323 8.39 -18.41 19.23
N GLN B 324 8.09 -17.19 19.70
CA GLN B 324 7.47 -16.95 20.99
C GLN B 324 6.67 -15.66 20.97
N GLY B 325 5.65 -15.59 21.83
CA GLY B 325 4.88 -14.36 21.99
C GLY B 325 5.48 -13.57 23.14
N ILE B 326 5.00 -12.36 23.35
CA ILE B 326 5.35 -11.62 24.59
C ILE B 326 4.52 -11.93 25.87
N LYS B 335 13.28 -15.74 25.91
CA LYS B 335 14.29 -16.66 25.33
C LYS B 335 15.21 -16.06 24.23
N TYR B 336 16.52 -16.17 24.46
CA TYR B 336 17.55 -15.69 23.54
C TYR B 336 17.50 -16.33 22.12
N GLY B 337 17.68 -15.50 21.08
CA GLY B 337 17.88 -15.98 19.72
C GLY B 337 16.64 -16.68 19.16
N VAL B 338 15.49 -16.40 19.74
CA VAL B 338 14.26 -17.00 19.24
C VAL B 338 13.34 -15.86 18.73
N SER B 339 12.74 -16.01 17.55
CA SER B 339 11.84 -15.01 16.97
C SER B 339 10.65 -14.56 17.83
N ILE B 340 10.39 -13.25 17.88
CA ILE B 340 9.13 -12.82 18.50
C ILE B 340 8.05 -12.47 17.44
N THR B 341 8.33 -12.75 16.17
CA THR B 341 7.30 -12.68 15.12
C THR B 341 7.12 -14.07 14.52
N ASP B 342 7.40 -14.28 13.22
CA ASP B 342 7.06 -15.59 12.63
C ASP B 342 8.11 -16.61 13.03
N ALA B 343 7.72 -17.87 13.04
CA ALA B 343 8.65 -18.94 13.43
C ALA B 343 9.78 -19.18 12.35
N CYS B 344 11.04 -19.40 12.80
CA CYS B 344 12.19 -19.61 11.95
C CYS B 344 12.82 -21.00 12.08
N ILE B 345 13.52 -21.49 11.07
CA ILE B 345 14.39 -22.66 11.34
C ILE B 345 15.61 -22.20 12.14
N GLY B 346 16.20 -23.11 12.90
CA GLY B 346 17.38 -22.78 13.69
C GLY B 346 18.70 -22.84 12.94
N TRP B 347 19.78 -22.52 13.64
CA TRP B 347 21.08 -22.39 12.99
C TRP B 347 21.56 -23.64 12.27
N GLU B 348 21.52 -24.79 12.97
CA GLU B 348 22.00 -26.04 12.40
C GLU B 348 21.16 -26.43 11.19
N THR B 349 19.86 -26.22 11.26
CA THR B 349 19.06 -26.57 10.10
C THR B 349 19.45 -25.67 8.90
N THR B 350 19.68 -24.41 9.21
CA THR B 350 20.12 -23.45 8.22
C THR B 350 21.37 -23.87 7.46
N GLU B 351 22.41 -24.32 8.19
CA GLU B 351 23.61 -24.86 7.56
C GLU B 351 23.26 -25.95 6.59
N ASP B 352 22.45 -26.92 7.03
CA ASP B 352 22.14 -28.08 6.23
C ASP B 352 21.36 -27.63 4.98
N VAL B 353 20.37 -26.74 5.20
CA VAL B 353 19.59 -26.19 4.05
C VAL B 353 20.51 -25.51 3.02
N LEU B 354 21.36 -24.60 3.50
CA LEU B 354 22.20 -23.86 2.57
C LEU B 354 23.27 -24.75 1.90
N ARG B 355 23.83 -25.72 2.63
CA ARG B 355 24.76 -26.66 1.98
C ARG B 355 24.06 -27.45 0.91
N LYS B 356 22.83 -27.90 1.16
CA LYS B 356 22.05 -28.58 0.14
C LYS B 356 21.80 -27.67 -1.08
N LEU B 357 21.37 -26.42 -0.86
CA LEU B 357 21.21 -25.47 -1.95
C LEU B 357 22.46 -25.32 -2.76
N ALA B 358 23.60 -25.13 -2.09
CA ALA B 358 24.85 -24.95 -2.86
C ALA B 358 25.20 -26.14 -3.83
N ALA B 359 24.96 -27.33 -3.34
CA ALA B 359 25.18 -28.53 -4.13
C ALA B 359 24.20 -28.56 -5.33
N ALA B 360 22.93 -28.16 -5.14
CA ALA B 360 21.96 -28.09 -6.26
C ALA B 360 22.46 -27.08 -7.32
N VAL B 361 22.96 -25.94 -6.85
CA VAL B 361 23.67 -24.97 -7.72
C VAL B 361 24.82 -25.61 -8.55
N ARG B 362 25.72 -26.32 -7.87
CA ARG B 362 26.76 -27.04 -8.57
C ARG B 362 26.23 -28.01 -9.64
N GLN B 363 25.22 -28.77 -9.29
CA GLN B 363 24.60 -29.72 -10.23
C GLN B 363 23.96 -28.99 -11.44
N ARG B 364 23.29 -27.88 -11.19
CA ARG B 364 22.79 -27.08 -12.27
C ARG B 364 23.92 -26.64 -13.21
N ARG B 365 25.11 -26.30 -12.68
CA ARG B 365 26.20 -25.92 -13.63
C ARG B 365 26.52 -27.05 -14.60
N GLU B 366 26.45 -28.28 -14.08
CA GLU B 366 26.76 -29.47 -14.85
C GLU B 366 25.71 -29.67 -15.94
N VAL B 367 24.45 -29.55 -15.57
CA VAL B 367 23.39 -29.65 -16.55
C VAL B 367 23.58 -28.60 -17.67
N ASN B 368 24.04 -27.41 -17.30
CA ASN B 368 24.11 -26.32 -18.28
C ASN B 368 25.30 -26.43 -19.22
N LYS B 369 26.29 -27.27 -18.86
CA LYS B 369 27.36 -27.66 -19.80
C LYS B 369 26.85 -28.55 -20.92
MN MN C . -12.72 4.40 -10.76
C1 GOL D . 1.17 9.71 -5.03
O1 GOL D . 2.59 9.72 -5.12
C2 GOL D . 0.59 9.45 -6.44
O2 GOL D . 0.61 8.04 -6.69
C3 GOL D . -0.80 10.07 -6.63
O3 GOL D . -0.76 11.49 -6.76
MN MN E . 8.06 -13.34 8.42
C1 GOL F . 5.82 2.54 9.43
O1 GOL F . 5.06 3.68 9.87
C2 GOL F . 5.42 1.32 10.25
O2 GOL F . 4.20 0.82 9.66
C3 GOL F . 6.60 0.37 10.10
O3 GOL F . 7.56 0.63 11.09
#